data_2DU0
#
_entry.id   2DU0
#
_cell.length_a   157.552
_cell.length_b   89.957
_cell.length_c   73.404
_cell.angle_alpha   90.00
_cell.angle_beta   90.00
_cell.angle_gamma   90.00
#
_symmetry.space_group_name_H-M   'P 21 21 2'
#
loop_
_entity.id
_entity.type
_entity.pdbx_description
1 polymer 'Basic agglutinin'
2 branched alpha-L-fucopyranose-(1-3)-[2-acetamido-2-deoxy-beta-D-glucopyranose-(1-4)]2-acetamido-2-deoxy-beta-D-glucopyranose
3 branched alpha-L-fucopyranose-(1-3)-2-acetamido-2-deoxy-beta-D-glucopyranose
4 non-polymer alpha-D-galactopyranose
5 non-polymer 2-acetamido-2-deoxy-beta-D-glucopyranose
6 non-polymer 'CALCIUM ION'
7 non-polymer 'MANGANESE (II) ION'
8 water water
#
_entity_poly.entity_id   1
_entity_poly.type   'polypeptide(L)'
_entity_poly.pdbx_seq_one_letter_code
;KTISFNFNQFHQNEEQLKLQRDARISSNSVLELTKVVNGVPTWNSTGRALYAKPVQVWDSTTGNVASFETRFSFSIRQPF
PRPHPADGLVFFIAPPNTQTGEGGGYFGIYNPLSPYPFVAVEFDTFRNTWDPQIPHIGIDVNSVISTKTVPFTLDNGGIA
NVVIKYDASTKILHVVLVFPSLGTIYTIADIVDLKQVLPESVNVGFSAATGDPSGKQRNATETHDILSWSFSASLPGTNE
F
;
_entity_poly.pdbx_strand_id   A,B,C,D
#
loop_
_chem_comp.id
_chem_comp.type
_chem_comp.name
_chem_comp.formula
CA non-polymer 'CALCIUM ION' 'Ca 2'
FUC L-saccharide, alpha linking alpha-L-fucopyranose 'C6 H12 O5'
GLA D-saccharide, alpha linking alpha-D-galactopyranose 'C6 H12 O6'
MN non-polymer 'MANGANESE (II) ION' 'Mn 2'
NAG D-saccharide, beta linking 2-acetamido-2-deoxy-beta-D-glucopyranose 'C8 H15 N O6'
#
# COMPACT_ATOMS: atom_id res chain seq x y z
N LYS A 1 8.20 4.40 -18.67
CA LYS A 1 7.67 5.59 -19.40
C LYS A 1 7.59 6.80 -18.47
N THR A 2 8.29 7.86 -18.82
CA THR A 2 8.30 9.08 -18.03
C THR A 2 8.09 10.30 -18.90
N ILE A 3 7.28 11.24 -18.42
CA ILE A 3 7.03 12.47 -19.16
C ILE A 3 7.34 13.67 -18.27
N SER A 4 7.65 14.80 -18.90
CA SER A 4 7.94 15.99 -18.14
C SER A 4 8.20 17.21 -19.01
N PHE A 5 7.94 18.38 -18.43
CA PHE A 5 8.13 19.63 -19.11
C PHE A 5 8.41 20.70 -18.07
N ASN A 6 8.98 21.82 -18.53
CA ASN A 6 9.35 22.89 -17.62
C ASN A 6 9.09 24.24 -18.28
N PHE A 7 8.65 25.21 -17.48
CA PHE A 7 8.38 26.56 -17.96
C PHE A 7 8.93 27.50 -16.91
N ASN A 8 10.07 28.13 -17.19
CA ASN A 8 10.64 29.08 -16.26
C ASN A 8 9.96 30.43 -16.42
N GLN A 9 9.17 30.53 -17.48
CA GLN A 9 8.39 31.72 -17.80
C GLN A 9 7.57 31.24 -18.95
N PHE A 10 6.64 32.09 -19.41
CA PHE A 10 5.79 31.72 -20.52
C PHE A 10 6.00 32.69 -21.68
N HIS A 11 5.92 32.18 -22.90
CA HIS A 11 6.10 33.02 -24.08
C HIS A 11 4.82 33.12 -24.85
N GLN A 12 4.54 34.30 -25.38
CA GLN A 12 3.35 34.52 -26.16
C GLN A 12 3.32 33.48 -27.28
N ASN A 13 2.13 33.04 -27.65
CA ASN A 13 1.95 32.04 -28.70
C ASN A 13 2.81 30.81 -28.43
N GLU A 14 2.66 30.25 -27.23
CA GLU A 14 3.38 29.06 -26.81
C GLU A 14 2.72 27.86 -27.49
N GLU A 15 3.54 27.01 -28.12
CA GLU A 15 2.99 25.84 -28.82
C GLU A 15 2.65 24.67 -27.90
N GLN A 16 3.24 24.68 -26.71
CA GLN A 16 3.00 23.61 -25.75
C GLN A 16 1.78 23.82 -24.88
N LEU A 17 1.28 25.05 -24.81
CA LEU A 17 0.11 25.36 -24.00
C LEU A 17 -1.13 25.58 -24.84
N LYS A 18 -2.28 25.33 -24.24
CA LYS A 18 -3.56 25.53 -24.90
C LYS A 18 -4.35 26.46 -24.00
N LEU A 19 -4.48 27.71 -24.43
CA LEU A 19 -5.18 28.71 -23.65
C LEU A 19 -6.68 28.73 -23.99
N GLN A 20 -7.51 28.90 -22.98
CA GLN A 20 -8.96 28.93 -23.18
C GLN A 20 -9.59 30.14 -22.50
N ARG A 21 -10.62 30.69 -23.12
CA ARG A 21 -11.34 31.84 -22.60
C ARG A 21 -10.45 33.07 -22.39
N ASP A 22 -10.55 33.68 -21.22
CA ASP A 22 -9.78 34.89 -20.92
C ASP A 22 -8.29 34.69 -20.67
N ALA A 23 -7.82 33.45 -20.59
CA ALA A 23 -6.41 33.19 -20.33
C ALA A 23 -5.51 33.75 -21.43
N ARG A 24 -4.45 34.43 -21.03
CA ARG A 24 -3.51 35.01 -21.98
C ARG A 24 -2.12 35.18 -21.33
N ILE A 25 -1.09 35.15 -22.16
CA ILE A 25 0.29 35.30 -21.68
C ILE A 25 0.73 36.75 -21.83
N SER A 26 1.08 37.39 -20.72
CA SER A 26 1.50 38.79 -20.76
C SER A 26 2.82 38.96 -21.50
N SER A 27 3.11 40.21 -21.86
CA SER A 27 4.33 40.56 -22.58
C SER A 27 5.58 40.19 -21.79
N ASN A 28 5.51 40.26 -20.48
CA ASN A 28 6.68 39.93 -19.69
C ASN A 28 6.72 38.51 -19.08
N SER A 29 6.22 37.54 -19.85
CA SER A 29 6.28 36.16 -19.42
C SER A 29 5.41 35.56 -18.33
N VAL A 30 4.35 36.24 -17.91
CA VAL A 30 3.49 35.62 -16.90
C VAL A 30 2.20 35.14 -17.54
N LEU A 31 1.69 34.02 -17.04
CA LEU A 31 0.44 33.45 -17.53
C LEU A 31 -0.72 34.04 -16.73
N GLU A 32 -1.47 34.94 -17.34
CA GLU A 32 -2.60 35.57 -16.68
C GLU A 32 -3.87 34.77 -16.98
N LEU A 33 -4.34 33.99 -16.01
CA LEU A 33 -5.53 33.18 -16.19
C LEU A 33 -6.78 34.02 -16.35
N THR A 34 -6.88 35.07 -15.54
CA THR A 34 -8.05 35.92 -15.62
C THR A 34 -7.74 37.33 -16.13
N LYS A 35 -8.72 37.89 -16.81
CA LYS A 35 -8.68 39.21 -17.41
C LYS A 35 -8.15 40.31 -16.49
N VAL A 36 -7.25 41.12 -17.01
CA VAL A 36 -6.70 42.24 -16.27
C VAL A 36 -6.41 43.36 -17.26
N VAL A 37 -7.14 44.46 -17.16
CA VAL A 37 -6.97 45.60 -18.06
C VAL A 37 -6.25 46.78 -17.40
N ASN A 38 -5.10 47.14 -17.98
CA ASN A 38 -4.27 48.23 -17.47
C ASN A 38 -3.97 48.11 -15.99
N GLY A 39 -3.40 46.96 -15.61
CA GLY A 39 -3.04 46.71 -14.23
C GLY A 39 -4.20 46.57 -13.27
N VAL A 40 -5.40 46.33 -13.79
CA VAL A 40 -6.56 46.18 -12.94
C VAL A 40 -7.35 44.93 -13.28
N PRO A 41 -7.48 44.01 -12.31
CA PRO A 41 -8.23 42.76 -12.55
C PRO A 41 -9.71 43.05 -12.78
N THR A 42 -10.32 42.28 -13.67
CA THR A 42 -11.73 42.46 -13.98
C THR A 42 -12.58 41.34 -13.41
N TRP A 43 -13.88 41.58 -13.29
CA TRP A 43 -14.80 40.57 -12.77
C TRP A 43 -15.35 39.82 -13.99
N ASN A 44 -16.25 38.86 -13.75
CA ASN A 44 -16.85 38.12 -14.86
C ASN A 44 -15.76 37.55 -15.78
N SER A 45 -14.63 37.14 -15.19
CA SER A 45 -13.56 36.57 -15.99
C SER A 45 -13.25 35.11 -15.63
N THR A 46 -12.91 34.34 -16.64
CA THR A 46 -12.61 32.92 -16.48
C THR A 46 -11.60 32.51 -17.53
N GLY A 47 -10.56 31.80 -17.12
CA GLY A 47 -9.54 31.35 -18.04
C GLY A 47 -8.87 30.06 -17.60
N ARG A 48 -8.45 29.26 -18.57
CA ARG A 48 -7.77 28.00 -18.31
C ARG A 48 -6.52 27.92 -19.17
N ALA A 49 -5.58 27.09 -18.74
CA ALA A 49 -4.35 26.87 -19.48
C ALA A 49 -4.06 25.39 -19.31
N LEU A 50 -4.09 24.65 -20.41
CA LEU A 50 -3.84 23.22 -20.37
C LEU A 50 -2.54 22.90 -21.10
N TYR A 51 -1.88 21.83 -20.69
CA TYR A 51 -0.66 21.42 -21.38
C TYR A 51 -1.15 20.77 -22.67
N ALA A 52 -0.72 21.30 -23.79
CA ALA A 52 -1.13 20.83 -25.11
C ALA A 52 -1.29 19.31 -25.27
N LYS A 53 -0.31 18.56 -24.80
CA LYS A 53 -0.36 17.11 -24.94
C LYS A 53 -1.00 16.38 -23.77
N PRO A 54 -1.74 15.29 -24.05
CA PRO A 54 -2.39 14.50 -23.01
C PRO A 54 -1.35 13.66 -22.29
N VAL A 55 -1.55 13.42 -20.99
CA VAL A 55 -0.63 12.58 -20.24
C VAL A 55 -1.38 11.35 -19.78
N GLN A 56 -0.69 10.22 -19.74
CA GLN A 56 -1.31 8.97 -19.33
C GLN A 56 -1.08 8.72 -17.84
N VAL A 57 -2.14 8.82 -17.04
CA VAL A 57 -2.00 8.60 -15.60
C VAL A 57 -2.11 7.13 -15.17
N TRP A 58 -2.70 6.29 -16.02
CA TRP A 58 -2.78 4.86 -15.71
C TRP A 58 -2.99 4.02 -16.95
N ASP A 59 -2.55 2.78 -16.87
CA ASP A 59 -2.63 1.83 -17.98
C ASP A 59 -3.56 0.68 -17.65
N SER A 60 -4.59 0.52 -18.48
CA SER A 60 -5.60 -0.51 -18.34
C SER A 60 -5.01 -1.92 -18.50
N THR A 61 -3.97 -2.04 -19.31
CA THR A 61 -3.33 -3.33 -19.54
C THR A 61 -2.66 -3.88 -18.30
N THR A 62 -1.85 -3.04 -17.65
CA THR A 62 -1.12 -3.46 -16.46
C THR A 62 -1.86 -3.12 -15.15
N GLY A 63 -2.79 -2.18 -15.23
CA GLY A 63 -3.52 -1.78 -14.04
C GLY A 63 -2.72 -0.78 -13.20
N ASN A 64 -1.50 -0.48 -13.65
CA ASN A 64 -0.61 0.45 -12.98
C ASN A 64 -1.05 1.91 -13.07
N VAL A 65 -0.81 2.66 -12.01
CA VAL A 65 -1.14 4.06 -11.98
C VAL A 65 0.14 4.87 -11.82
N ALA A 66 0.19 6.02 -12.48
CA ALA A 66 1.37 6.86 -12.44
C ALA A 66 1.52 7.69 -11.18
N SER A 67 2.78 8.04 -10.88
CA SER A 67 3.09 8.88 -9.75
C SER A 67 3.54 10.17 -10.43
N PHE A 68 3.30 11.31 -9.80
CA PHE A 68 3.73 12.54 -10.42
C PHE A 68 4.02 13.63 -9.41
N GLU A 69 4.79 14.60 -9.88
CA GLU A 69 5.17 15.75 -9.08
C GLU A 69 5.01 16.98 -9.96
N THR A 70 4.48 18.05 -9.41
CA THR A 70 4.34 19.26 -10.17
C THR A 70 4.60 20.42 -9.24
N ARG A 71 5.40 21.36 -9.72
CA ARG A 71 5.77 22.52 -8.94
C ARG A 71 5.41 23.75 -9.76
N PHE A 72 4.89 24.77 -9.10
CA PHE A 72 4.57 25.99 -9.81
C PHE A 72 4.50 27.18 -8.87
N SER A 73 4.64 28.37 -9.44
CA SER A 73 4.58 29.59 -8.66
C SER A 73 3.44 30.43 -9.14
N PHE A 74 2.70 31.01 -8.22
CA PHE A 74 1.59 31.85 -8.64
C PHE A 74 1.58 33.10 -7.80
N SER A 75 0.78 34.06 -8.22
CA SER A 75 0.63 35.30 -7.49
C SER A 75 -0.81 35.75 -7.62
N ILE A 76 -1.39 36.13 -6.49
CA ILE A 76 -2.74 36.61 -6.47
C ILE A 76 -2.71 37.98 -5.83
N ARG A 77 -3.00 39.01 -6.61
CA ARG A 77 -3.03 40.36 -6.09
C ARG A 77 -4.49 40.74 -5.93
N GLN A 78 -4.86 41.16 -4.73
CA GLN A 78 -6.23 41.56 -4.41
C GLN A 78 -6.31 43.05 -4.18
N PRO A 79 -6.52 43.84 -5.25
CA PRO A 79 -6.61 45.31 -5.20
C PRO A 79 -7.76 45.85 -4.36
N PHE A 80 -8.94 45.25 -4.51
CA PHE A 80 -10.12 45.71 -3.80
C PHE A 80 -10.49 44.82 -2.61
N PRO A 81 -10.04 45.19 -1.40
CA PRO A 81 -10.31 44.42 -0.17
C PRO A 81 -11.79 44.29 0.19
N ARG A 82 -12.59 45.31 -0.14
CA ARG A 82 -14.03 45.32 0.14
C ARG A 82 -14.79 45.23 -1.20
N PRO A 83 -15.87 44.42 -1.25
CA PRO A 83 -16.46 43.58 -0.20
C PRO A 83 -15.75 42.23 -0.04
N HIS A 84 -15.30 41.68 -1.16
CA HIS A 84 -14.66 40.38 -1.11
C HIS A 84 -13.99 39.93 -2.41
N PRO A 85 -12.68 39.62 -2.37
CA PRO A 85 -11.98 39.17 -3.57
C PRO A 85 -12.54 37.80 -3.98
N ALA A 86 -12.48 37.47 -5.27
CA ALA A 86 -12.98 36.19 -5.77
C ALA A 86 -12.36 35.84 -7.12
N ASP A 87 -12.28 34.56 -7.46
CA ASP A 87 -12.73 33.45 -6.63
C ASP A 87 -11.59 32.51 -6.23
N GLY A 88 -10.52 32.52 -7.02
CA GLY A 88 -9.39 31.66 -6.74
C GLY A 88 -8.92 30.95 -7.99
N LEU A 89 -7.89 30.12 -7.85
CA LEU A 89 -7.34 29.37 -8.98
C LEU A 89 -7.12 27.94 -8.57
N VAL A 90 -7.08 27.04 -9.53
CA VAL A 90 -6.82 25.65 -9.21
C VAL A 90 -5.92 25.00 -10.23
N PHE A 91 -5.33 23.89 -9.83
CA PHE A 91 -4.49 23.08 -10.69
C PHE A 91 -5.41 21.86 -10.84
N PHE A 92 -5.60 21.38 -12.06
CA PHE A 92 -6.48 20.26 -12.21
C PHE A 92 -6.05 19.23 -13.24
N ILE A 93 -6.73 18.10 -13.16
CA ILE A 93 -6.52 16.98 -14.05
C ILE A 93 -7.92 16.61 -14.51
N ALA A 94 -8.10 16.49 -15.81
CA ALA A 94 -9.41 16.16 -16.35
C ALA A 94 -9.25 15.38 -17.65
N PRO A 95 -10.36 14.84 -18.17
CA PRO A 95 -10.29 14.08 -19.42
C PRO A 95 -9.83 15.04 -20.51
N PRO A 96 -9.15 14.54 -21.53
CA PRO A 96 -8.70 15.46 -22.58
C PRO A 96 -9.86 16.08 -23.35
N ASN A 97 -9.61 17.22 -23.98
CA ASN A 97 -10.63 17.89 -24.78
C ASN A 97 -11.85 18.44 -24.04
N THR A 98 -11.74 18.75 -22.75
CA THR A 98 -12.90 19.30 -22.05
C THR A 98 -12.92 20.78 -22.35
N GLN A 99 -14.04 21.43 -22.09
CA GLN A 99 -14.17 22.86 -22.34
C GLN A 99 -14.36 23.57 -21.01
N THR A 100 -14.05 24.86 -20.99
CA THR A 100 -14.19 25.67 -19.79
C THR A 100 -15.57 25.51 -19.17
N GLY A 101 -15.62 25.21 -17.87
CA GLY A 101 -16.90 25.07 -17.20
C GLY A 101 -17.42 26.40 -16.70
N GLU A 102 -18.28 26.35 -15.70
CA GLU A 102 -18.86 27.53 -15.10
C GLU A 102 -17.79 28.34 -14.36
N GLY A 103 -17.96 29.66 -14.31
CA GLY A 103 -17.00 30.49 -13.61
C GLY A 103 -17.30 30.61 -12.14
N GLY A 104 -16.98 31.75 -11.55
CA GLY A 104 -17.23 31.96 -10.14
C GLY A 104 -16.64 30.88 -9.25
N GLY A 105 -17.42 30.45 -8.26
CA GLY A 105 -16.96 29.43 -7.34
C GLY A 105 -16.67 28.08 -7.95
N TYR A 106 -16.95 27.93 -9.25
CA TYR A 106 -16.66 26.67 -9.94
C TYR A 106 -15.31 26.70 -10.62
N PHE A 107 -14.61 27.82 -10.47
CA PHE A 107 -13.28 28.00 -11.01
C PHE A 107 -13.12 27.74 -12.51
N GLY A 108 -14.21 27.41 -13.18
CA GLY A 108 -14.13 27.13 -14.60
C GLY A 108 -13.88 25.66 -14.90
N ILE A 109 -13.89 24.81 -13.88
CA ILE A 109 -13.66 23.39 -14.12
C ILE A 109 -14.89 22.53 -13.96
N TYR A 110 -15.94 23.10 -13.36
CA TYR A 110 -17.17 22.35 -13.17
C TYR A 110 -18.27 22.82 -14.11
N ASN A 111 -18.78 21.90 -14.91
CA ASN A 111 -19.84 22.18 -15.87
C ASN A 111 -21.09 21.41 -15.45
N PRO A 112 -22.02 22.08 -14.76
CA PRO A 112 -23.27 21.50 -14.27
C PRO A 112 -24.08 20.72 -15.32
N LEU A 113 -24.23 21.25 -16.52
CA LEU A 113 -25.04 20.53 -17.51
C LEU A 113 -24.29 19.50 -18.36
N SER A 114 -23.12 19.10 -17.89
CA SER A 114 -22.29 18.11 -18.59
C SER A 114 -21.04 17.90 -17.75
N PRO A 115 -21.22 17.37 -16.53
CA PRO A 115 -20.10 17.14 -15.63
C PRO A 115 -19.10 16.11 -16.13
N TYR A 116 -17.82 16.41 -15.95
CA TYR A 116 -16.76 15.49 -16.32
C TYR A 116 -15.94 15.29 -15.04
N PRO A 117 -15.36 14.10 -14.87
CA PRO A 117 -14.58 13.87 -13.65
C PRO A 117 -13.32 14.74 -13.63
N PHE A 118 -12.76 14.95 -12.43
CA PHE A 118 -11.56 15.74 -12.32
C PHE A 118 -11.01 15.72 -10.90
N VAL A 119 -9.69 15.85 -10.80
CA VAL A 119 -9.03 15.93 -9.51
C VAL A 119 -8.38 17.31 -9.52
N ALA A 120 -8.57 18.08 -8.46
CA ALA A 120 -8.01 19.41 -8.44
C ALA A 120 -7.55 19.90 -7.08
N VAL A 121 -6.55 20.76 -7.09
CA VAL A 121 -6.06 21.36 -5.87
C VAL A 121 -6.43 22.84 -6.01
N GLU A 122 -7.26 23.32 -5.11
CA GLU A 122 -7.73 24.70 -5.19
C GLU A 122 -7.15 25.64 -4.14
N PHE A 123 -7.08 26.92 -4.53
CA PHE A 123 -6.62 28.00 -3.68
C PHE A 123 -7.81 28.95 -3.76
N ASP A 124 -8.77 28.68 -2.87
CA ASP A 124 -10.03 29.40 -2.80
C ASP A 124 -9.93 30.67 -2.01
N THR A 125 -10.39 31.77 -2.61
CA THR A 125 -10.32 33.06 -1.95
C THR A 125 -11.68 33.68 -1.63
N PHE A 126 -12.75 33.05 -2.13
CA PHE A 126 -14.09 33.54 -1.87
C PHE A 126 -14.89 32.44 -1.20
N ARG A 127 -15.59 32.79 -0.12
CA ARG A 127 -16.36 31.80 0.59
C ARG A 127 -17.78 31.60 0.08
N ASN A 128 -17.98 30.49 -0.64
CA ASN A 128 -19.29 30.15 -1.16
C ASN A 128 -20.02 29.43 -0.03
N THR A 129 -21.30 29.11 -0.25
CA THR A 129 -22.11 28.45 0.77
C THR A 129 -21.51 27.14 1.25
N TRP A 130 -20.82 26.44 0.35
CA TRP A 130 -20.22 25.15 0.65
C TRP A 130 -18.77 25.25 1.14
N ASP A 131 -18.28 26.47 1.32
CA ASP A 131 -16.90 26.70 1.74
C ASP A 131 -16.67 27.01 3.20
N PRO A 132 -15.52 26.60 3.72
CA PRO A 132 -15.19 26.90 5.12
C PRO A 132 -14.55 28.29 5.02
N GLN A 133 -13.92 28.77 6.08
CA GLN A 133 -13.28 30.08 6.00
C GLN A 133 -12.32 30.12 4.81
N ILE A 134 -12.05 31.31 4.31
CA ILE A 134 -11.09 31.47 3.23
C ILE A 134 -10.06 32.50 3.66
N PRO A 135 -8.89 32.52 3.02
CA PRO A 135 -8.52 31.62 1.93
C PRO A 135 -8.24 30.22 2.46
N HIS A 136 -8.32 29.23 1.59
CA HIS A 136 -8.02 27.88 1.99
C HIS A 136 -7.57 27.02 0.83
N ILE A 137 -6.74 26.03 1.14
CA ILE A 137 -6.28 25.09 0.14
C ILE A 137 -7.27 23.94 0.27
N GLY A 138 -7.69 23.38 -0.85
CA GLY A 138 -8.62 22.29 -0.80
C GLY A 138 -8.32 21.25 -1.84
N ILE A 139 -8.64 19.99 -1.54
CA ILE A 139 -8.43 18.92 -2.47
C ILE A 139 -9.82 18.55 -2.96
N ASP A 140 -10.04 18.73 -4.26
CA ASP A 140 -11.33 18.46 -4.85
C ASP A 140 -11.31 17.23 -5.75
N VAL A 141 -12.35 16.41 -5.63
CA VAL A 141 -12.50 15.21 -6.44
C VAL A 141 -13.92 15.24 -7.02
N ASN A 142 -14.05 15.52 -8.31
CA ASN A 142 -15.34 15.58 -9.00
C ASN A 142 -16.28 16.63 -8.46
N SER A 143 -15.81 17.44 -7.52
CA SER A 143 -16.67 18.45 -6.94
C SER A 143 -15.87 19.58 -6.30
N VAL A 144 -16.48 20.74 -6.24
CA VAL A 144 -15.86 21.92 -5.66
C VAL A 144 -15.99 21.87 -4.14
N ILE A 145 -16.67 20.84 -3.64
CA ILE A 145 -16.83 20.67 -2.19
C ILE A 145 -15.66 19.80 -1.78
N SER A 146 -14.56 20.44 -1.37
CA SER A 146 -13.33 19.76 -0.96
C SER A 146 -13.46 18.60 0.02
N THR A 147 -12.63 17.58 -0.18
CA THR A 147 -12.62 16.41 0.69
C THR A 147 -11.82 16.80 1.93
N LYS A 148 -10.78 17.60 1.71
CA LYS A 148 -9.91 18.06 2.79
C LYS A 148 -9.64 19.55 2.55
N THR A 149 -9.52 20.31 3.62
CA THR A 149 -9.30 21.73 3.51
C THR A 149 -8.32 22.23 4.58
N VAL A 150 -7.56 23.27 4.24
CA VAL A 150 -6.66 23.86 5.22
C VAL A 150 -6.58 25.36 4.97
N PRO A 151 -6.76 26.16 6.02
CA PRO A 151 -6.72 27.62 5.84
C PRO A 151 -5.30 28.16 5.70
N PHE A 152 -5.18 29.28 5.00
CA PHE A 152 -3.87 29.92 4.85
C PHE A 152 -4.06 31.42 4.69
N THR A 153 -3.01 32.18 4.99
CA THR A 153 -3.02 33.63 4.88
C THR A 153 -2.26 34.00 3.62
N LEU A 154 -2.95 34.65 2.69
CA LEU A 154 -2.35 35.05 1.43
C LEU A 154 -1.35 36.19 1.54
N ASP A 155 -0.30 36.10 0.74
CA ASP A 155 0.68 37.17 0.70
C ASP A 155 0.23 37.96 -0.53
N ASN A 156 -0.62 38.96 -0.27
CA ASN A 156 -1.19 39.81 -1.32
C ASN A 156 -0.16 40.32 -2.30
N GLY A 157 -0.25 39.88 -3.55
CA GLY A 157 0.69 40.30 -4.56
C GLY A 157 2.05 39.63 -4.45
N GLY A 158 2.26 38.89 -3.36
CA GLY A 158 3.52 38.20 -3.18
C GLY A 158 3.58 36.96 -4.05
N ILE A 159 4.69 36.24 -3.98
CA ILE A 159 4.87 35.02 -4.75
C ILE A 159 4.55 33.82 -3.89
N ALA A 160 3.97 32.79 -4.48
CA ALA A 160 3.64 31.58 -3.76
C ALA A 160 4.26 30.40 -4.46
N ASN A 161 4.94 29.53 -3.73
CA ASN A 161 5.54 28.33 -4.32
C ASN A 161 4.68 27.15 -3.91
N VAL A 162 4.31 26.35 -4.90
CA VAL A 162 3.48 25.19 -4.63
C VAL A 162 4.13 23.91 -5.11
N VAL A 163 3.98 22.86 -4.32
CA VAL A 163 4.50 21.56 -4.70
C VAL A 163 3.37 20.57 -4.52
N ILE A 164 2.99 19.91 -5.61
CA ILE A 164 1.94 18.92 -5.53
C ILE A 164 2.58 17.59 -5.91
N LYS A 165 2.43 16.60 -5.05
CA LYS A 165 3.04 15.30 -5.30
C LYS A 165 2.05 14.16 -5.11
N TYR A 166 2.10 13.19 -6.00
CA TYR A 166 1.21 12.04 -5.91
C TYR A 166 1.99 10.74 -5.97
N ASP A 167 1.83 9.89 -4.96
CA ASP A 167 2.51 8.59 -4.93
C ASP A 167 1.49 7.50 -5.20
N ALA A 168 1.62 6.85 -6.35
CA ALA A 168 0.70 5.79 -6.72
C ALA A 168 0.63 4.67 -5.70
N SER A 169 1.77 4.29 -5.14
CA SER A 169 1.81 3.19 -4.18
C SER A 169 0.97 3.44 -2.93
N THR A 170 0.99 4.65 -2.41
CA THR A 170 0.20 4.94 -1.22
C THR A 170 -1.10 5.65 -1.53
N LYS A 171 -1.20 6.17 -2.77
CA LYS A 171 -2.37 6.91 -3.22
C LYS A 171 -2.49 8.23 -2.48
N ILE A 172 -1.38 8.70 -1.94
CA ILE A 172 -1.36 9.96 -1.20
C ILE A 172 -1.08 11.15 -2.09
N LEU A 173 -1.96 12.14 -2.02
CA LEU A 173 -1.79 13.37 -2.77
C LEU A 173 -1.43 14.43 -1.71
N HIS A 174 -0.21 14.94 -1.75
CA HIS A 174 0.16 15.96 -0.79
C HIS A 174 0.60 17.23 -1.47
N VAL A 175 0.10 18.35 -0.98
CA VAL A 175 0.43 19.65 -1.54
C VAL A 175 1.07 20.50 -0.46
N VAL A 176 2.04 21.30 -0.88
CA VAL A 176 2.76 22.20 0.00
C VAL A 176 2.64 23.60 -0.56
N LEU A 177 2.32 24.55 0.30
CA LEU A 177 2.19 25.93 -0.11
C LEU A 177 3.15 26.76 0.73
N VAL A 178 4.04 27.49 0.06
CA VAL A 178 5.01 28.31 0.75
C VAL A 178 5.06 29.71 0.21
N PHE A 179 5.02 30.69 1.11
CA PHE A 179 5.12 32.11 0.74
C PHE A 179 6.51 32.54 1.23
N PRO A 180 7.54 32.37 0.38
CA PRO A 180 8.91 32.73 0.74
C PRO A 180 9.13 34.08 1.44
N SER A 181 8.35 35.11 1.11
CA SER A 181 8.52 36.41 1.75
C SER A 181 8.08 36.39 3.21
N LEU A 182 7.00 35.68 3.50
CA LEU A 182 6.51 35.59 4.87
C LEU A 182 7.16 34.42 5.61
N GLY A 183 7.74 33.49 4.87
CA GLY A 183 8.37 32.34 5.47
C GLY A 183 7.35 31.33 5.98
N THR A 184 6.09 31.52 5.64
CA THR A 184 5.05 30.61 6.10
C THR A 184 4.91 29.37 5.21
N ILE A 185 4.58 28.24 5.85
CA ILE A 185 4.45 26.95 5.18
C ILE A 185 3.11 26.31 5.49
N TYR A 186 2.39 25.90 4.47
CA TYR A 186 1.09 25.27 4.66
C TYR A 186 1.10 23.92 3.99
N THR A 187 0.59 22.92 4.67
CA THR A 187 0.59 21.57 4.11
C THR A 187 -0.75 20.86 4.23
N ILE A 188 -1.10 20.08 3.22
CA ILE A 188 -2.35 19.32 3.24
C ILE A 188 -2.19 18.04 2.42
N ALA A 189 -2.88 17.00 2.84
CA ALA A 189 -2.77 15.73 2.13
C ALA A 189 -4.07 14.94 2.25
N ASP A 190 -4.27 14.00 1.32
CA ASP A 190 -5.44 13.16 1.34
C ASP A 190 -5.21 11.98 0.41
N ILE A 191 -6.06 10.97 0.54
CA ILE A 191 -5.96 9.78 -0.30
C ILE A 191 -6.92 9.93 -1.44
N VAL A 192 -6.41 9.72 -2.65
CA VAL A 192 -7.19 9.83 -3.86
C VAL A 192 -6.75 8.74 -4.80
N ASP A 193 -7.71 7.97 -5.31
CA ASP A 193 -7.40 6.89 -6.23
C ASP A 193 -7.69 7.33 -7.65
N LEU A 194 -6.67 7.86 -8.32
CA LEU A 194 -6.80 8.35 -9.70
C LEU A 194 -7.46 7.36 -10.65
N LYS A 195 -7.01 6.11 -10.59
CA LYS A 195 -7.52 5.04 -11.43
C LYS A 195 -9.03 4.91 -11.28
N GLN A 196 -9.53 5.24 -10.10
CA GLN A 196 -10.93 5.16 -9.81
C GLN A 196 -11.77 6.33 -10.30
N VAL A 197 -11.15 7.51 -10.45
CA VAL A 197 -11.89 8.68 -10.87
C VAL A 197 -11.59 9.22 -12.26
N LEU A 198 -10.41 8.94 -12.77
CA LEU A 198 -9.99 9.45 -14.06
C LEU A 198 -9.74 8.41 -15.14
N PRO A 199 -9.82 8.83 -16.40
CA PRO A 199 -9.56 7.90 -17.51
C PRO A 199 -8.05 7.76 -17.69
N GLU A 200 -7.62 6.81 -18.49
CA GLU A 200 -6.20 6.56 -18.71
C GLU A 200 -5.39 7.77 -19.15
N SER A 201 -5.96 8.56 -20.05
CA SER A 201 -5.30 9.75 -20.58
C SER A 201 -6.00 11.00 -20.10
N VAL A 202 -5.22 11.97 -19.64
CA VAL A 202 -5.81 13.20 -19.13
C VAL A 202 -5.02 14.45 -19.54
N ASN A 203 -5.59 15.61 -19.24
CA ASN A 203 -4.94 16.89 -19.49
C ASN A 203 -4.64 17.45 -18.11
N VAL A 204 -3.56 18.23 -18.00
CA VAL A 204 -3.25 18.84 -16.73
C VAL A 204 -3.14 20.33 -17.00
N GLY A 205 -3.48 21.15 -16.02
CA GLY A 205 -3.39 22.58 -16.23
C GLY A 205 -3.96 23.40 -15.10
N PHE A 206 -4.22 24.67 -15.38
CA PHE A 206 -4.78 25.56 -14.38
C PHE A 206 -6.08 26.17 -14.88
N SER A 207 -6.84 26.71 -13.94
CA SER A 207 -8.11 27.37 -14.25
C SER A 207 -8.35 28.34 -13.10
N ALA A 208 -8.87 29.51 -13.42
CA ALA A 208 -9.15 30.51 -12.41
C ALA A 208 -10.41 31.27 -12.76
N ALA A 209 -10.95 32.03 -11.80
CA ALA A 209 -12.16 32.79 -12.08
C ALA A 209 -12.31 33.96 -11.11
N THR A 210 -12.91 35.04 -11.61
CA THR A 210 -13.14 36.21 -10.78
C THR A 210 -14.64 36.29 -10.49
N GLY A 211 -15.02 37.25 -9.65
CA GLY A 211 -16.41 37.42 -9.27
C GLY A 211 -17.43 37.25 -10.39
N ASP A 212 -18.49 36.50 -10.10
CA ASP A 212 -19.54 36.28 -11.08
C ASP A 212 -20.52 37.47 -11.03
N PRO A 213 -21.02 37.90 -12.20
CA PRO A 213 -21.95 39.03 -12.28
C PRO A 213 -23.14 38.92 -11.32
N SER A 214 -23.63 37.70 -11.14
CA SER A 214 -24.78 37.45 -10.26
C SER A 214 -24.55 37.98 -8.84
N GLY A 215 -23.29 38.12 -8.45
CA GLY A 215 -22.98 38.61 -7.12
C GLY A 215 -23.11 40.13 -7.04
N LYS A 216 -23.26 40.75 -8.20
CA LYS A 216 -23.41 42.21 -8.32
C LYS A 216 -22.30 43.03 -7.67
N GLN A 217 -21.13 42.41 -7.50
CA GLN A 217 -20.00 43.10 -6.90
C GLN A 217 -18.83 43.12 -7.88
N ARG A 218 -18.60 44.29 -8.47
CA ARG A 218 -17.54 44.46 -9.43
C ARG A 218 -16.16 44.37 -8.78
N ASN A 219 -16.09 44.57 -7.46
CA ASN A 219 -14.83 44.49 -6.76
C ASN A 219 -14.45 43.05 -6.42
N ALA A 220 -15.37 42.12 -6.65
CA ALA A 220 -15.10 40.72 -6.38
C ALA A 220 -14.16 40.19 -7.47
N THR A 221 -12.89 40.55 -7.36
CA THR A 221 -11.91 40.11 -8.34
C THR A 221 -10.49 40.21 -7.80
N GLU A 222 -9.56 39.67 -8.57
CA GLU A 222 -8.16 39.65 -8.19
C GLU A 222 -7.42 39.09 -9.39
N THR A 223 -6.10 39.05 -9.30
CA THR A 223 -5.35 38.47 -10.40
C THR A 223 -5.09 37.00 -10.08
N HIS A 224 -4.83 36.21 -11.11
CA HIS A 224 -4.52 34.81 -10.94
C HIS A 224 -3.39 34.52 -11.91
N ASP A 225 -2.19 34.96 -11.55
CA ASP A 225 -1.03 34.77 -12.41
C ASP A 225 -0.14 33.60 -12.04
N ILE A 226 0.37 32.92 -13.06
CA ILE A 226 1.27 31.80 -12.84
C ILE A 226 2.61 32.15 -13.48
N LEU A 227 3.62 32.17 -12.64
CA LEU A 227 4.96 32.56 -13.05
C LEU A 227 5.81 31.45 -13.67
N SER A 228 5.71 30.23 -13.13
CA SER A 228 6.49 29.13 -13.65
C SER A 228 5.75 27.82 -13.44
N TRP A 229 6.13 26.77 -14.17
CA TRP A 229 5.44 25.50 -14.03
C TRP A 229 6.24 24.30 -14.56
N SER A 230 6.52 23.32 -13.69
CA SER A 230 7.22 22.13 -14.13
C SER A 230 6.37 20.92 -13.78
N PHE A 231 6.44 19.90 -14.62
CA PHE A 231 5.67 18.69 -14.42
C PHE A 231 6.46 17.44 -14.76
N SER A 232 6.20 16.36 -14.04
CA SER A 232 6.88 15.11 -14.26
C SER A 232 5.94 13.98 -13.86
N ALA A 233 5.86 12.93 -14.68
CA ALA A 233 4.99 11.79 -14.39
C ALA A 233 5.70 10.48 -14.68
N SER A 234 5.38 9.44 -13.91
CA SER A 234 6.02 8.15 -14.12
C SER A 234 5.03 7.00 -14.13
N LEU A 235 4.87 6.39 -15.29
CA LEU A 235 3.98 5.25 -15.44
C LEU A 235 4.87 4.05 -15.75
N PRO A 236 5.10 3.19 -14.74
CA PRO A 236 5.93 1.99 -14.93
C PRO A 236 5.36 1.04 -15.98
N GLY A 237 4.44 1.54 -16.79
CA GLY A 237 3.83 0.74 -17.84
C GLY A 237 4.02 1.34 -19.23
N LYS B 1 -8.63 16.32 25.15
CA LYS B 1 -7.20 16.05 25.49
C LYS B 1 -6.28 16.61 24.40
N THR B 2 -5.72 17.79 24.66
CA THR B 2 -4.83 18.44 23.69
C THR B 2 -3.59 19.06 24.33
N ILE B 3 -2.46 18.38 24.20
CA ILE B 3 -1.23 18.92 24.75
C ILE B 3 -0.60 19.86 23.71
N SER B 4 0.32 20.71 24.15
CA SER B 4 0.94 21.66 23.25
C SER B 4 2.07 22.45 23.90
N PHE B 5 3.20 22.54 23.22
CA PHE B 5 4.34 23.28 23.73
C PHE B 5 5.16 23.87 22.60
N ASN B 6 5.97 24.87 22.91
CA ASN B 6 6.82 25.46 21.90
C ASN B 6 8.03 26.11 22.55
N PHE B 7 9.17 26.03 21.87
CA PHE B 7 10.42 26.60 22.35
C PHE B 7 10.98 27.49 21.25
N ASN B 8 10.92 28.81 21.45
CA ASN B 8 11.44 29.76 20.49
C ASN B 8 12.94 29.80 20.60
N GLN B 9 13.45 29.20 21.67
CA GLN B 9 14.89 29.08 21.93
C GLN B 9 15.07 28.21 23.17
N PHE B 10 16.29 27.74 23.42
CA PHE B 10 16.54 26.87 24.55
C PHE B 10 17.43 27.50 25.62
N HIS B 11 16.99 27.38 26.88
CA HIS B 11 17.74 27.94 28.01
C HIS B 11 18.50 26.83 28.70
N GLN B 12 19.70 27.14 29.18
CA GLN B 12 20.53 26.15 29.86
C GLN B 12 19.73 25.42 30.94
N ASN B 13 19.92 24.10 31.01
CA ASN B 13 19.22 23.26 31.98
C ASN B 13 17.71 23.47 31.90
N GLU B 14 17.17 23.30 30.70
CA GLU B 14 15.74 23.43 30.47
C GLU B 14 15.00 22.44 31.36
N GLU B 15 14.13 22.93 32.23
CA GLU B 15 13.40 22.03 33.10
C GLU B 15 12.43 21.17 32.28
N GLN B 16 12.07 21.65 31.10
CA GLN B 16 11.14 20.98 30.19
C GLN B 16 11.78 19.90 29.32
N LEU B 17 13.09 20.00 29.13
CA LEU B 17 13.81 19.03 28.30
C LEU B 17 14.64 18.05 29.09
N LYS B 18 14.88 16.90 28.49
CA LYS B 18 15.66 15.85 29.09
C LYS B 18 16.77 15.56 28.08
N LEU B 19 17.99 16.00 28.40
CA LEU B 19 19.13 15.80 27.52
C LEU B 19 19.83 14.48 27.84
N GLN B 20 20.26 13.77 26.79
CA GLN B 20 20.95 12.50 26.95
C GLN B 20 22.25 12.48 26.17
N ARG B 21 23.25 11.80 26.72
CA ARG B 21 24.56 11.67 26.08
C ARG B 21 25.22 13.00 25.76
N ASP B 22 25.70 13.15 24.54
CA ASP B 22 26.41 14.37 24.14
C ASP B 22 25.54 15.61 23.90
N ALA B 23 24.22 15.47 23.98
CA ALA B 23 23.34 16.62 23.76
C ALA B 23 23.55 17.70 24.83
N ARG B 24 23.67 18.95 24.39
CA ARG B 24 23.90 20.08 25.27
C ARG B 24 23.31 21.35 24.66
N ILE B 25 22.92 22.30 25.50
CA ILE B 25 22.37 23.57 25.03
C ILE B 25 23.49 24.62 25.06
N SER B 26 23.81 25.19 23.90
CA SER B 26 24.88 26.18 23.83
C SER B 26 24.51 27.46 24.56
N SER B 27 25.52 28.29 24.81
CA SER B 27 25.36 29.55 25.50
C SER B 27 24.41 30.49 24.79
N ASN B 28 24.39 30.43 23.46
CA ASN B 28 23.52 31.29 22.67
C ASN B 28 22.16 30.66 22.31
N SER B 29 21.68 29.77 23.18
CA SER B 29 20.38 29.12 23.02
C SER B 29 20.12 27.99 22.03
N VAL B 30 21.11 27.50 21.30
CA VAL B 30 20.84 26.43 20.35
C VAL B 30 21.04 25.06 21.00
N LEU B 31 20.25 24.09 20.56
CA LEU B 31 20.34 22.74 21.09
C LEU B 31 21.30 21.95 20.22
N GLU B 32 22.50 21.68 20.75
CA GLU B 32 23.50 20.92 20.01
C GLU B 32 23.39 19.45 20.38
N LEU B 33 22.83 18.67 19.46
CA LEU B 33 22.63 17.25 19.69
C LEU B 33 23.95 16.50 19.75
N THR B 34 24.87 16.85 18.86
CA THR B 34 26.16 16.18 18.87
C THR B 34 27.30 17.10 19.27
N LYS B 35 28.31 16.48 19.89
CA LYS B 35 29.50 17.14 20.39
C LYS B 35 30.17 18.06 19.39
N VAL B 36 30.53 19.25 19.85
CA VAL B 36 31.24 20.23 19.04
C VAL B 36 32.18 21.02 19.95
N VAL B 37 33.49 20.85 19.73
CA VAL B 37 34.47 21.55 20.56
C VAL B 37 35.17 22.68 19.81
N ASN B 38 35.02 23.89 20.36
CA ASN B 38 35.63 25.08 19.78
C ASN B 38 35.24 25.27 18.33
N GLY B 39 33.94 25.24 18.06
CA GLY B 39 33.43 25.43 16.71
C GLY B 39 33.73 24.31 15.75
N VAL B 40 34.11 23.15 16.27
CA VAL B 40 34.42 22.03 15.40
C VAL B 40 33.69 20.77 15.83
N PRO B 41 32.84 20.22 14.95
CA PRO B 41 32.09 19.01 15.29
C PRO B 41 33.03 17.81 15.44
N THR B 42 32.70 16.95 16.40
CA THR B 42 33.52 15.76 16.66
C THR B 42 32.82 14.49 16.18
N TRP B 43 33.61 13.44 16.00
CA TRP B 43 33.07 12.16 15.57
C TRP B 43 32.76 11.36 16.82
N ASN B 44 32.28 10.14 16.65
CA ASN B 44 32.01 9.31 17.81
C ASN B 44 31.07 10.03 18.80
N SER B 45 30.16 10.84 18.28
CA SER B 45 29.23 11.56 19.12
C SER B 45 27.77 11.18 18.87
N THR B 46 26.99 11.15 19.95
CA THR B 46 25.60 10.79 19.90
C THR B 46 24.84 11.52 21.00
N GLY B 47 23.72 12.13 20.64
CA GLY B 47 22.93 12.87 21.62
C GLY B 47 21.44 12.88 21.30
N ARG B 48 20.62 12.95 22.35
CA ARG B 48 19.18 12.97 22.18
C ARG B 48 18.61 14.07 23.07
N ALA B 49 17.41 14.52 22.72
CA ALA B 49 16.72 15.55 23.47
C ALA B 49 15.26 15.16 23.44
N LEU B 50 14.71 14.83 24.60
CA LEU B 50 13.31 14.43 24.69
C LEU B 50 12.51 15.47 25.45
N TYR B 51 11.23 15.58 25.12
CA TYR B 51 10.37 16.51 25.85
C TYR B 51 10.12 15.79 27.17
N ALA B 52 10.50 16.44 28.27
CA ALA B 52 10.36 15.86 29.61
C ALA B 52 9.07 15.09 29.89
N LYS B 53 7.92 15.61 29.48
CA LYS B 53 6.66 14.92 29.75
C LYS B 53 6.21 14.00 28.62
N PRO B 54 5.61 12.86 28.98
CA PRO B 54 5.13 11.91 27.97
C PRO B 54 3.84 12.45 27.36
N VAL B 55 3.60 12.13 26.09
CA VAL B 55 2.38 12.57 25.43
C VAL B 55 1.58 11.33 25.04
N GLN B 56 0.27 11.44 25.10
CA GLN B 56 -0.61 10.32 24.77
C GLN B 56 -1.03 10.39 23.31
N VAL B 57 -0.54 9.47 22.48
CA VAL B 57 -0.91 9.48 21.06
C VAL B 57 -2.19 8.71 20.76
N TRP B 58 -2.63 7.85 21.68
CA TRP B 58 -3.90 7.14 21.50
C TRP B 58 -4.47 6.58 22.80
N ASP B 59 -5.79 6.43 22.83
CA ASP B 59 -6.46 5.93 24.02
C ASP B 59 -7.13 4.58 23.77
N SER B 60 -6.73 3.59 24.55
CA SER B 60 -7.28 2.24 24.39
C SER B 60 -8.76 2.15 24.73
N THR B 61 -9.24 3.07 25.57
CA THR B 61 -10.65 3.04 25.94
C THR B 61 -11.55 3.38 24.76
N THR B 62 -11.20 4.45 24.06
CA THR B 62 -11.99 4.91 22.92
C THR B 62 -11.47 4.38 21.58
N GLY B 63 -10.20 3.97 21.56
CA GLY B 63 -9.61 3.47 20.33
C GLY B 63 -9.14 4.59 19.43
N ASN B 64 -9.38 5.83 19.87
CA ASN B 64 -9.00 7.03 19.14
C ASN B 64 -7.51 7.29 19.11
N VAL B 65 -7.03 7.79 17.98
CA VAL B 65 -5.62 8.12 17.78
C VAL B 65 -5.49 9.63 17.65
N ALA B 66 -4.42 10.20 18.18
CA ALA B 66 -4.24 11.64 18.11
C ALA B 66 -3.64 12.10 16.79
N SER B 67 -3.91 13.37 16.49
CA SER B 67 -3.39 14.02 15.30
C SER B 67 -2.37 14.99 15.88
N PHE B 68 -1.30 15.25 15.15
CA PHE B 68 -0.32 16.18 15.67
C PHE B 68 0.43 16.93 14.60
N GLU B 69 0.99 18.07 14.99
CA GLU B 69 1.78 18.90 14.11
C GLU B 69 2.99 19.33 14.89
N THR B 70 4.14 19.31 14.25
CA THR B 70 5.35 19.73 14.92
C THR B 70 6.20 20.46 13.89
N ARG B 71 6.72 21.61 14.29
CA ARG B 71 7.56 22.41 13.44
C ARG B 71 8.85 22.68 14.17
N PHE B 72 9.95 22.66 13.44
CA PHE B 72 11.24 22.94 14.04
C PHE B 72 12.25 23.37 13.00
N SER B 73 13.29 24.04 13.48
CA SER B 73 14.34 24.50 12.59
C SER B 73 15.64 23.87 13.00
N PHE B 74 16.42 23.45 12.02
CA PHE B 74 17.70 22.86 12.36
C PHE B 74 18.75 23.37 11.42
N SER B 75 20.00 23.08 11.75
CA SER B 75 21.11 23.49 10.92
C SER B 75 22.17 22.41 11.01
N ILE B 76 22.69 22.02 9.84
CA ILE B 76 23.74 21.02 9.78
C ILE B 76 24.88 21.66 9.02
N ARG B 77 25.98 21.87 9.72
CA ARG B 77 27.15 22.44 9.10
C ARG B 77 28.12 21.29 8.88
N GLN B 78 28.58 21.14 7.64
CA GLN B 78 29.53 20.09 7.31
C GLN B 78 30.86 20.78 7.02
N PRO B 79 31.76 20.81 8.01
CA PRO B 79 33.07 21.45 7.84
C PRO B 79 34.04 20.69 6.93
N PHE B 80 33.93 19.36 6.95
CA PHE B 80 34.82 18.50 6.20
C PHE B 80 34.16 17.71 5.06
N PRO B 81 34.14 18.30 3.87
CA PRO B 81 33.53 17.67 2.69
C PRO B 81 34.10 16.30 2.35
N ARG B 82 35.38 16.06 2.65
CA ARG B 82 35.99 14.76 2.37
C ARG B 82 36.32 14.03 3.67
N PRO B 83 36.10 12.71 3.71
CA PRO B 83 35.59 11.86 2.62
C PRO B 83 34.07 11.76 2.64
N HIS B 84 33.45 11.98 3.80
CA HIS B 84 31.99 11.87 3.90
C HIS B 84 31.43 12.26 5.28
N PRO B 85 30.60 13.31 5.32
CA PRO B 85 30.03 13.72 6.60
C PRO B 85 29.05 12.63 7.07
N ALA B 86 28.81 12.56 8.38
CA ALA B 86 27.89 11.56 8.93
C ALA B 86 27.39 12.06 10.28
N ASP B 87 26.24 11.57 10.76
CA ASP B 87 25.40 10.60 10.06
C ASP B 87 24.02 11.19 9.73
N GLY B 88 23.62 12.18 10.52
CA GLY B 88 22.33 12.82 10.32
C GLY B 88 21.57 12.93 11.63
N LEU B 89 20.37 13.49 11.58
CA LEU B 89 19.55 13.63 12.78
C LEU B 89 18.12 13.19 12.48
N VAL B 90 17.38 12.86 13.52
CA VAL B 90 16.00 12.44 13.34
C VAL B 90 15.10 13.01 14.39
N PHE B 91 13.81 13.05 14.07
CA PHE B 91 12.77 13.47 15.00
C PHE B 91 12.13 12.11 15.24
N PHE B 92 11.89 11.76 16.50
CA PHE B 92 11.28 10.45 16.73
C PHE B 92 10.24 10.42 17.82
N ILE B 93 9.51 9.31 17.84
CA ILE B 93 8.47 9.04 18.82
C ILE B 93 8.79 7.62 19.27
N ALA B 94 8.88 7.42 20.59
CA ALA B 94 9.21 6.10 21.13
C ALA B 94 8.56 5.95 22.49
N PRO B 95 8.60 4.72 23.04
CA PRO B 95 7.99 4.48 24.35
C PRO B 95 8.73 5.35 25.36
N PRO B 96 8.04 5.77 26.44
CA PRO B 96 8.77 6.61 27.40
C PRO B 96 9.90 5.86 28.12
N ASN B 97 10.85 6.63 28.65
CA ASN B 97 11.99 6.08 29.39
C ASN B 97 12.96 5.19 28.61
N THR B 98 13.31 5.58 27.38
CA THR B 98 14.25 4.78 26.62
C THR B 98 15.65 5.34 26.76
N GLN B 99 16.63 4.50 26.46
CA GLN B 99 18.03 4.89 26.56
C GLN B 99 18.60 5.02 25.15
N THR B 100 19.64 5.84 25.02
CA THR B 100 20.28 6.07 23.73
C THR B 100 20.73 4.77 23.09
N GLY B 101 20.38 4.58 21.83
CA GLY B 101 20.76 3.36 21.13
C GLY B 101 22.14 3.48 20.53
N GLU B 102 22.39 2.69 19.50
CA GLU B 102 23.67 2.66 18.80
C GLU B 102 23.85 3.99 18.04
N GLY B 103 25.10 4.42 17.88
CA GLY B 103 25.35 5.66 17.15
C GLY B 103 25.48 5.42 15.66
N GLY B 104 26.32 6.22 15.00
CA GLY B 104 26.51 6.07 13.57
C GLY B 104 25.19 6.10 12.81
N GLY B 105 25.09 5.24 11.80
CA GLY B 105 23.88 5.15 10.97
C GLY B 105 22.59 4.83 11.71
N TYR B 106 22.67 4.51 12.99
CA TYR B 106 21.47 4.21 13.77
C TYR B 106 20.96 5.46 14.50
N PHE B 107 21.66 6.58 14.28
CA PHE B 107 21.27 7.87 14.85
C PHE B 107 21.11 7.90 16.37
N GLY B 108 21.33 6.77 17.03
CA GLY B 108 21.16 6.72 18.47
C GLY B 108 19.76 6.31 18.89
N ILE B 109 18.91 5.93 17.95
CA ILE B 109 17.57 5.50 18.32
C ILE B 109 17.35 4.01 18.17
N TYR B 110 18.26 3.32 17.49
CA TYR B 110 18.11 1.89 17.33
C TYR B 110 19.10 1.11 18.19
N ASN B 111 18.56 0.24 19.03
CA ASN B 111 19.38 -0.57 19.93
C ASN B 111 19.20 -2.04 19.51
N PRO B 112 20.15 -2.58 18.73
CA PRO B 112 20.13 -3.98 18.25
C PRO B 112 19.91 -4.99 19.36
N LEU B 113 20.59 -4.80 20.49
CA LEU B 113 20.45 -5.70 21.62
C LEU B 113 19.02 -5.71 22.13
N SER B 114 18.53 -4.56 22.57
CA SER B 114 17.17 -4.45 23.07
C SER B 114 16.40 -3.42 22.25
N PRO B 115 15.68 -3.89 21.22
CA PRO B 115 14.90 -2.99 20.36
C PRO B 115 13.57 -2.55 20.96
N TYR B 116 13.26 -1.27 20.77
CA TYR B 116 11.99 -0.71 21.22
C TYR B 116 11.34 -0.12 19.98
N PRO B 117 10.00 -0.11 19.91
CA PRO B 117 9.36 0.45 18.73
C PRO B 117 9.59 1.95 18.64
N PHE B 118 9.42 2.51 17.45
CA PHE B 118 9.62 3.93 17.24
C PHE B 118 9.24 4.38 15.84
N VAL B 119 8.78 5.61 15.74
CA VAL B 119 8.43 6.20 14.45
C VAL B 119 9.34 7.41 14.38
N ALA B 120 10.05 7.56 13.26
CA ALA B 120 10.95 8.68 13.13
C ALA B 120 11.09 9.22 11.73
N VAL B 121 11.43 10.50 11.66
CA VAL B 121 11.65 11.16 10.39
C VAL B 121 13.14 11.47 10.42
N GLU B 122 13.87 10.91 9.47
CA GLU B 122 15.31 11.11 9.41
C GLU B 122 15.80 12.03 8.32
N PHE B 123 16.94 12.66 8.60
CA PHE B 123 17.62 13.53 7.66
C PHE B 123 18.99 12.88 7.65
N ASP B 124 19.12 11.89 6.78
CA ASP B 124 20.32 11.07 6.62
C ASP B 124 21.36 11.72 5.74
N THR B 125 22.58 11.80 6.23
CA THR B 125 23.67 12.41 5.48
C THR B 125 24.79 11.44 5.10
N PHE B 126 24.74 10.22 5.63
CA PHE B 126 25.74 9.22 5.31
C PHE B 126 25.07 8.00 4.73
N ARG B 127 25.63 7.51 3.62
CA ARG B 127 25.05 6.35 2.96
C ARG B 127 25.51 5.01 3.49
N ASN B 128 24.66 4.37 4.31
CA ASN B 128 24.96 3.05 4.84
C ASN B 128 24.56 2.03 3.76
N THR B 129 24.86 0.76 4.00
CA THR B 129 24.56 -0.29 3.02
C THR B 129 23.07 -0.37 2.68
N TRP B 130 22.22 -0.02 3.64
CA TRP B 130 20.77 -0.05 3.46
C TRP B 130 20.18 1.28 2.97
N ASP B 131 21.04 2.26 2.72
CA ASP B 131 20.60 3.58 2.27
C ASP B 131 20.66 3.88 0.79
N PRO B 132 19.76 4.73 0.32
CA PRO B 132 19.76 5.12 -1.10
C PRO B 132 20.74 6.28 -1.09
N GLN B 133 20.91 7.03 -2.16
CA GLN B 133 21.87 8.11 -2.09
C GLN B 133 21.48 9.10 -0.99
N ILE B 134 22.47 9.87 -0.53
CA ILE B 134 22.26 10.86 0.52
C ILE B 134 22.68 12.23 0.03
N PRO B 135 22.23 13.29 0.68
CA PRO B 135 21.33 13.26 1.85
C PRO B 135 19.93 12.86 1.42
N HIS B 136 19.13 12.38 2.37
CA HIS B 136 17.76 12.05 2.03
C HIS B 136 16.88 12.09 3.26
N ILE B 137 15.61 12.38 3.05
CA ILE B 137 14.66 12.38 4.15
C ILE B 137 14.07 10.99 4.10
N GLY B 138 13.84 10.39 5.26
CA GLY B 138 13.27 9.07 5.27
C GLY B 138 12.29 8.93 6.39
N ILE B 139 11.30 8.07 6.19
CA ILE B 139 10.31 7.81 7.21
C ILE B 139 10.64 6.42 7.73
N ASP B 140 10.97 6.33 9.01
CA ASP B 140 11.35 5.07 9.63
C ASP B 140 10.32 4.59 10.61
N VAL B 141 10.03 3.29 10.56
CA VAL B 141 9.10 2.65 11.48
C VAL B 141 9.80 1.41 12.05
N ASN B 142 10.19 1.47 13.32
CA ASN B 142 10.89 0.37 14.00
C ASN B 142 12.22 -0.04 13.37
N SER B 143 12.67 0.72 12.38
CA SER B 143 13.93 0.39 11.75
C SER B 143 14.51 1.59 11.02
N VAL B 144 15.81 1.59 10.84
CA VAL B 144 16.51 2.67 10.15
C VAL B 144 16.45 2.45 8.63
N ILE B 145 15.80 1.37 8.22
CA ILE B 145 15.62 1.08 6.79
C ILE B 145 14.27 1.73 6.45
N SER B 146 14.32 2.96 5.97
CA SER B 146 13.14 3.75 5.64
C SER B 146 12.08 3.08 4.78
N THR B 147 10.82 3.37 5.08
CA THR B 147 9.69 2.86 4.29
C THR B 147 9.62 3.69 3.00
N LYS B 148 9.88 4.98 3.14
CA LYS B 148 9.85 5.90 2.02
C LYS B 148 11.05 6.85 2.16
N THR B 149 11.66 7.23 1.05
CA THR B 149 12.76 8.19 1.11
C THR B 149 12.70 9.17 -0.04
N VAL B 150 13.29 10.33 0.18
CA VAL B 150 13.35 11.36 -0.85
C VAL B 150 14.68 12.08 -0.70
N PRO B 151 15.40 12.25 -1.80
CA PRO B 151 16.69 12.94 -1.73
C PRO B 151 16.55 14.46 -1.63
N PHE B 152 17.54 15.09 -1.01
CA PHE B 152 17.55 16.54 -0.88
C PHE B 152 18.98 17.06 -0.88
N THR B 153 19.14 18.32 -1.23
CA THR B 153 20.46 18.94 -1.23
C THR B 153 20.53 19.87 -0.03
N LEU B 154 21.47 19.58 0.85
CA LEU B 154 21.64 20.35 2.07
C LEU B 154 22.20 21.74 1.87
N ASP B 155 21.73 22.67 2.69
CA ASP B 155 22.24 24.02 2.64
C ASP B 155 23.22 24.01 3.81
N ASN B 156 24.47 23.69 3.47
CA ASN B 156 25.54 23.60 4.45
C ASN B 156 25.59 24.79 5.39
N GLY B 157 25.34 24.53 6.66
CA GLY B 157 25.36 25.59 7.66
C GLY B 157 24.16 26.49 7.59
N GLY B 158 23.33 26.31 6.57
CA GLY B 158 22.15 27.14 6.44
C GLY B 158 21.08 26.68 7.41
N ILE B 159 19.94 27.34 7.40
CA ILE B 159 18.84 26.98 8.28
C ILE B 159 17.82 26.16 7.51
N ALA B 160 17.24 25.18 8.19
CA ALA B 160 16.24 24.32 7.55
C ALA B 160 14.94 24.36 8.34
N ASN B 161 13.83 24.56 7.65
CA ASN B 161 12.53 24.56 8.33
C ASN B 161 11.82 23.26 8.02
N VAL B 162 11.36 22.60 9.06
CA VAL B 162 10.67 21.34 8.91
C VAL B 162 9.27 21.36 9.49
N VAL B 163 8.34 20.73 8.78
CA VAL B 163 6.97 20.65 9.27
C VAL B 163 6.59 19.18 9.17
N ILE B 164 6.25 18.58 10.30
CA ILE B 164 5.83 17.19 10.29
C ILE B 164 4.40 17.18 10.77
N LYS B 165 3.53 16.55 10.00
CA LYS B 165 2.11 16.52 10.34
C LYS B 165 1.53 15.12 10.24
N TYR B 166 0.69 14.76 11.21
CA TYR B 166 0.07 13.45 11.21
C TYR B 166 -1.44 13.58 11.37
N ASP B 167 -2.20 13.02 10.43
CA ASP B 167 -3.66 13.06 10.48
C ASP B 167 -4.16 11.67 10.85
N ALA B 168 -4.70 11.53 12.05
CA ALA B 168 -5.20 10.23 12.50
C ALA B 168 -6.27 9.64 11.57
N SER B 169 -7.13 10.49 11.03
CA SER B 169 -8.19 9.99 10.17
C SER B 169 -7.70 9.29 8.91
N THR B 170 -6.67 9.85 8.29
CA THR B 170 -6.10 9.27 7.07
C THR B 170 -4.87 8.41 7.33
N LYS B 171 -4.28 8.58 8.51
CA LYS B 171 -3.07 7.87 8.90
C LYS B 171 -1.89 8.34 8.07
N ILE B 172 -2.01 9.53 7.48
CA ILE B 172 -0.96 10.07 6.65
C ILE B 172 0.05 10.90 7.45
N LEU B 173 1.32 10.54 7.31
CA LEU B 173 2.38 11.28 7.97
C LEU B 173 3.10 12.02 6.84
N HIS B 174 3.00 13.34 6.82
CA HIS B 174 3.72 14.07 5.79
C HIS B 174 4.68 15.08 6.37
N VAL B 175 5.87 15.09 5.80
CA VAL B 175 6.91 16.01 6.25
C VAL B 175 7.32 16.92 5.13
N VAL B 176 7.64 18.15 5.49
CA VAL B 176 8.05 19.15 4.53
C VAL B 176 9.37 19.71 4.99
N LEU B 177 10.30 19.82 4.05
CA LEU B 177 11.61 20.35 4.35
C LEU B 177 11.86 21.56 3.46
N VAL B 178 12.14 22.70 4.07
CA VAL B 178 12.38 23.92 3.32
C VAL B 178 13.67 24.60 3.75
N PHE B 179 14.48 24.98 2.78
CA PHE B 179 15.72 25.71 3.04
C PHE B 179 15.45 27.12 2.52
N PRO B 180 14.93 28.00 3.38
CA PRO B 180 14.60 29.38 3.01
C PRO B 180 15.65 30.16 2.20
N SER B 181 16.94 29.93 2.44
CA SER B 181 17.96 30.65 1.68
C SER B 181 18.03 30.21 0.23
N LEU B 182 17.86 28.92 -0.01
CA LEU B 182 17.92 28.39 -1.36
C LEU B 182 16.54 28.42 -2.02
N GLY B 183 15.50 28.56 -1.20
CA GLY B 183 14.14 28.56 -1.72
C GLY B 183 13.65 27.18 -2.13
N THR B 184 14.42 26.15 -1.81
CA THR B 184 14.07 24.78 -2.16
C THR B 184 13.07 24.14 -1.22
N ILE B 185 12.18 23.32 -1.79
CA ILE B 185 11.15 22.64 -1.01
C ILE B 185 11.15 21.14 -1.28
N TYR B 186 11.19 20.35 -0.22
CA TYR B 186 11.19 18.90 -0.34
C TYR B 186 10.03 18.34 0.43
N THR B 187 9.30 17.43 -0.19
CA THR B 187 8.16 16.82 0.48
C THR B 187 8.12 15.30 0.40
N ILE B 188 7.63 14.69 1.47
CA ILE B 188 7.54 13.24 1.54
C ILE B 188 6.38 12.83 2.44
N ALA B 189 5.72 11.74 2.10
CA ALA B 189 4.60 11.27 2.91
C ALA B 189 4.47 9.77 2.85
N ASP B 190 3.80 9.20 3.84
CA ASP B 190 3.58 7.77 3.88
C ASP B 190 2.49 7.47 4.92
N ILE B 191 1.94 6.27 4.84
CA ILE B 191 0.90 5.86 5.76
C ILE B 191 1.52 5.09 6.92
N VAL B 192 1.20 5.52 8.12
CA VAL B 192 1.71 4.92 9.34
C VAL B 192 0.59 4.83 10.35
N ASP B 193 0.41 3.65 10.92
CA ASP B 193 -0.63 3.47 11.91
C ASP B 193 0.00 3.45 13.30
N LEU B 194 0.06 4.61 13.94
CA LEU B 194 0.66 4.76 15.27
C LEU B 194 0.15 3.73 16.28
N LYS B 195 -1.17 3.61 16.31
CA LYS B 195 -1.88 2.70 17.20
C LYS B 195 -1.30 1.30 17.09
N GLN B 196 -0.86 0.96 15.89
CA GLN B 196 -0.32 -0.35 15.60
C GLN B 196 1.13 -0.55 16.03
N VAL B 197 1.91 0.52 16.07
CA VAL B 197 3.33 0.41 16.40
C VAL B 197 3.77 0.97 17.74
N LEU B 198 3.02 1.93 18.26
CA LEU B 198 3.39 2.57 19.52
C LEU B 198 2.41 2.39 20.66
N PRO B 199 2.90 2.51 21.90
CA PRO B 199 2.06 2.37 23.09
C PRO B 199 1.24 3.66 23.26
N GLU B 200 0.25 3.66 24.14
CA GLU B 200 -0.58 4.85 24.32
C GLU B 200 0.17 6.11 24.72
N SER B 201 1.20 5.98 25.54
CA SER B 201 2.00 7.13 25.95
C SER B 201 3.40 7.04 25.40
N VAL B 202 3.89 8.14 24.85
CA VAL B 202 5.22 8.17 24.27
C VAL B 202 5.98 9.44 24.58
N ASN B 203 7.26 9.43 24.19
CA ASN B 203 8.13 10.59 24.34
C ASN B 203 8.39 11.07 22.93
N VAL B 204 8.58 12.37 22.76
CA VAL B 204 8.88 12.92 21.45
C VAL B 204 10.20 13.65 21.62
N GLY B 205 11.01 13.69 20.57
CA GLY B 205 12.28 14.38 20.67
C GLY B 205 13.18 14.21 19.48
N PHE B 206 14.45 14.57 19.66
CA PHE B 206 15.42 14.46 18.58
C PHE B 206 16.58 13.59 19.01
N SER B 207 17.32 13.11 18.03
CA SER B 207 18.49 12.28 18.26
C SER B 207 19.40 12.45 17.06
N ALA B 208 20.70 12.53 17.29
CA ALA B 208 21.65 12.69 16.20
C ALA B 208 22.91 11.90 16.49
N ALA B 209 23.76 11.74 15.47
CA ALA B 209 24.99 11.00 15.65
C ALA B 209 26.05 11.37 14.63
N THR B 210 27.31 11.34 15.03
CA THR B 210 28.38 11.62 14.09
C THR B 210 29.12 10.30 13.82
N GLY B 211 30.08 10.36 12.90
CA GLY B 211 30.84 9.18 12.52
C GLY B 211 31.22 8.24 13.64
N ASP B 212 31.02 6.96 13.42
CA ASP B 212 31.35 5.93 14.39
C ASP B 212 32.83 5.60 14.25
N PRO B 213 33.54 5.42 15.39
CA PRO B 213 34.97 5.09 15.34
C PRO B 213 35.33 3.93 14.42
N SER B 214 34.45 2.94 14.33
CA SER B 214 34.67 1.77 13.49
C SER B 214 34.95 2.16 12.04
N GLY B 215 34.49 3.34 11.64
CA GLY B 215 34.70 3.79 10.27
C GLY B 215 36.10 4.35 10.07
N LYS B 216 36.81 4.54 11.18
CA LYS B 216 38.18 5.05 11.17
C LYS B 216 38.34 6.39 10.47
N GLN B 217 37.26 7.15 10.34
CA GLN B 217 37.35 8.46 9.72
C GLN B 217 36.91 9.56 10.68
N ARG B 218 37.88 10.31 11.17
CA ARG B 218 37.65 11.37 12.12
C ARG B 218 36.89 12.53 11.49
N ASN B 219 36.92 12.61 10.16
CA ASN B 219 36.23 13.66 9.43
C ASN B 219 34.74 13.36 9.23
N ALA B 220 34.34 12.13 9.52
CA ALA B 220 32.93 11.75 9.37
C ALA B 220 32.16 12.39 10.51
N THR B 221 31.87 13.67 10.36
CA THR B 221 31.16 14.39 11.40
C THR B 221 30.56 15.67 10.85
N GLU B 222 29.72 16.31 11.66
CA GLU B 222 29.06 17.55 11.29
C GLU B 222 28.27 17.97 12.52
N THR B 223 27.65 19.15 12.47
CA THR B 223 26.85 19.59 13.60
C THR B 223 25.42 19.14 13.38
N HIS B 224 24.67 19.08 14.46
CA HIS B 224 23.27 18.72 14.41
C HIS B 224 22.58 19.60 15.41
N ASP B 225 22.40 20.86 15.02
CA ASP B 225 21.77 21.85 15.89
C ASP B 225 20.30 22.09 15.63
N ILE B 226 19.55 22.29 16.69
CA ILE B 226 18.14 22.58 16.61
C ILE B 226 17.91 23.98 17.18
N LEU B 227 17.39 24.87 16.33
CA LEU B 227 17.15 26.25 16.71
C LEU B 227 15.84 26.51 17.44
N SER B 228 14.76 25.88 16.99
CA SER B 228 13.47 26.08 17.63
C SER B 228 12.61 24.84 17.48
N TRP B 229 11.55 24.73 18.28
CA TRP B 229 10.71 23.56 18.20
C TRP B 229 9.34 23.74 18.86
N SER B 230 8.29 23.51 18.09
CA SER B 230 6.95 23.62 18.63
C SER B 230 6.23 22.30 18.36
N PHE B 231 5.31 21.93 19.25
CA PHE B 231 4.59 20.68 19.09
C PHE B 231 3.17 20.81 19.59
N SER B 232 2.26 20.21 18.84
CA SER B 232 0.86 20.23 19.19
C SER B 232 0.25 18.89 18.85
N ALA B 233 -0.52 18.34 19.78
CA ALA B 233 -1.18 17.07 19.58
C ALA B 233 -2.62 17.24 20.06
N SER B 234 -3.55 16.57 19.38
CA SER B 234 -4.96 16.68 19.74
C SER B 234 -5.62 15.30 19.72
N LEU B 235 -5.88 14.78 20.91
CA LEU B 235 -6.51 13.47 21.08
C LEU B 235 -7.97 13.71 21.44
N PRO B 236 -8.88 13.56 20.48
CA PRO B 236 -10.31 13.76 20.70
C PRO B 236 -10.94 12.79 21.70
N GLY B 237 -11.57 13.35 22.73
CA GLY B 237 -12.23 12.55 23.76
C GLY B 237 -12.35 13.29 25.08
N LYS C 1 14.42 -5.91 -13.83
CA LYS C 1 15.02 -7.27 -13.86
C LYS C 1 13.93 -8.33 -13.75
N THR C 2 14.26 -9.56 -14.15
CA THR C 2 13.31 -10.67 -14.11
C THR C 2 14.02 -12.00 -14.19
N ILE C 3 14.01 -12.78 -13.11
CA ILE C 3 14.66 -14.09 -13.11
C ILE C 3 13.65 -15.22 -12.84
N SER C 4 13.97 -16.42 -13.30
CA SER C 4 13.09 -17.57 -13.10
C SER C 4 13.72 -18.89 -13.49
N PHE C 5 13.51 -19.90 -12.68
CA PHE C 5 14.05 -21.21 -12.96
C PHE C 5 12.97 -22.28 -12.73
N ASN C 6 13.10 -23.41 -13.41
CA ASN C 6 12.13 -24.49 -13.30
C ASN C 6 12.79 -25.85 -13.04
N PHE C 7 12.00 -26.80 -12.53
CA PHE C 7 12.47 -28.15 -12.22
C PHE C 7 11.27 -29.10 -12.28
N ASN C 8 11.12 -29.83 -13.39
CA ASN C 8 10.02 -30.77 -13.53
C ASN C 8 10.37 -32.02 -12.75
N GLN C 9 11.67 -32.30 -12.69
CA GLN C 9 12.22 -33.42 -11.93
C GLN C 9 13.66 -33.04 -11.63
N PHE C 10 14.25 -33.66 -10.62
CA PHE C 10 15.63 -33.35 -10.26
C PHE C 10 16.58 -34.44 -10.68
N HIS C 11 17.48 -34.12 -11.59
CA HIS C 11 18.46 -35.07 -12.06
C HIS C 11 19.59 -35.03 -11.04
N GLN C 12 20.38 -36.09 -10.99
CA GLN C 12 21.50 -36.14 -10.07
C GLN C 12 22.61 -35.31 -10.71
N ASN C 13 23.62 -34.94 -9.94
CA ASN C 13 24.70 -34.12 -10.47
C ASN C 13 24.09 -32.83 -11.02
N GLU C 14 22.95 -32.44 -10.45
CA GLU C 14 22.25 -31.22 -10.86
C GLU C 14 23.07 -30.02 -10.39
N GLU C 15 23.73 -29.39 -11.33
CA GLU C 15 24.61 -28.26 -11.11
C GLU C 15 23.92 -27.00 -10.60
N GLN C 16 22.59 -26.96 -10.74
CA GLN C 16 21.81 -25.80 -10.31
C GLN C 16 21.45 -25.84 -8.84
N LEU C 17 21.50 -27.02 -8.24
CA LEU C 17 21.16 -27.19 -6.83
C LEU C 17 22.36 -27.37 -5.93
N LYS C 18 22.19 -26.99 -4.68
CA LYS C 18 23.25 -27.15 -3.69
C LYS C 18 22.62 -27.94 -2.57
N LEU C 19 23.00 -29.21 -2.46
CA LEU C 19 22.44 -30.06 -1.41
C LEU C 19 23.30 -30.03 -0.16
N GLN C 20 22.63 -30.05 1.00
CA GLN C 20 23.34 -30.02 2.27
C GLN C 20 22.84 -31.11 3.21
N ARG C 21 23.76 -31.61 4.02
CA ARG C 21 23.47 -32.67 4.98
C ARG C 21 22.87 -33.93 4.35
N ASP C 22 21.78 -34.43 4.92
CA ASP C 22 21.13 -35.65 4.42
C ASP C 22 20.41 -35.55 3.09
N ALA C 23 20.26 -34.34 2.56
CA ALA C 23 19.55 -34.17 1.29
C ALA C 23 20.25 -34.88 0.13
N ARG C 24 19.47 -35.62 -0.65
CA ARG C 24 19.99 -36.32 -1.82
C ARG C 24 18.90 -36.56 -2.85
N ILE C 25 19.32 -36.67 -4.11
CA ILE C 25 18.39 -36.89 -5.21
C ILE C 25 18.29 -38.37 -5.55
N SER C 26 17.09 -38.94 -5.43
CA SER C 26 16.89 -40.36 -5.71
C SER C 26 17.13 -40.69 -7.17
N SER C 27 17.29 -41.99 -7.44
CA SER C 27 17.54 -42.52 -8.78
C SER C 27 16.40 -42.15 -9.74
N ASN C 28 15.18 -42.10 -9.21
CA ASN C 28 14.01 -41.78 -10.02
C ASN C 28 13.55 -40.33 -10.02
N SER C 29 14.47 -39.39 -9.87
CA SER C 29 14.09 -37.98 -9.94
C SER C 29 13.42 -37.23 -8.80
N VAL C 30 13.44 -37.74 -7.58
CA VAL C 30 12.83 -36.97 -6.49
C VAL C 30 13.90 -36.47 -5.53
N LEU C 31 13.66 -35.29 -4.96
CA LEU C 31 14.59 -34.68 -4.02
C LEU C 31 14.21 -35.13 -2.62
N GLU C 32 15.01 -36.01 -2.04
CA GLU C 32 14.72 -36.49 -0.69
C GLU C 32 15.51 -35.63 0.30
N LEU C 33 14.78 -34.77 1.01
CA LEU C 33 15.39 -33.87 1.98
C LEU C 33 15.94 -34.65 3.18
N THR C 34 15.17 -35.61 3.65
CA THR C 34 15.59 -36.40 4.80
C THR C 34 15.93 -37.84 4.43
N LYS C 35 16.87 -38.38 5.19
CA LYS C 35 17.37 -39.74 5.02
C LYS C 35 16.28 -40.79 4.97
N VAL C 36 16.40 -41.71 4.02
CA VAL C 36 15.45 -42.82 3.88
C VAL C 36 16.22 -44.03 3.35
N VAL C 37 16.31 -45.06 4.19
CA VAL C 37 17.05 -46.25 3.82
C VAL C 37 16.15 -47.44 3.48
N ASN C 38 16.26 -47.93 2.25
CA ASN C 38 15.46 -49.06 1.81
C ASN C 38 13.96 -48.83 2.00
N GLY C 39 13.48 -47.70 1.48
CA GLY C 39 12.07 -47.39 1.58
C GLY C 39 11.58 -47.08 2.98
N VAL C 40 12.49 -46.81 3.89
CA VAL C 40 12.11 -46.49 5.27
C VAL C 40 12.77 -45.22 5.76
N PRO C 41 11.95 -44.22 6.15
CA PRO C 41 12.50 -42.95 6.64
C PRO C 41 13.21 -43.14 7.97
N THR C 42 14.30 -42.41 8.15
CA THR C 42 15.10 -42.49 9.36
C THR C 42 14.88 -41.28 10.25
N TRP C 43 15.21 -41.42 11.54
CA TRP C 43 15.07 -40.32 12.48
C TRP C 43 16.44 -39.63 12.52
N ASN C 44 16.59 -38.62 13.37
CA ASN C 44 17.85 -37.90 13.48
C ASN C 44 18.38 -37.48 12.10
N SER C 45 17.47 -37.11 11.21
CA SER C 45 17.86 -36.69 9.87
C SER C 45 17.49 -35.23 9.58
N THR C 46 18.37 -34.55 8.85
CA THR C 46 18.15 -33.17 8.48
C THR C 46 18.81 -32.90 7.14
N GLY C 47 18.09 -32.23 6.24
CA GLY C 47 18.62 -31.92 4.94
C GLY C 47 18.05 -30.66 4.34
N ARG C 48 18.85 -29.97 3.52
CA ARG C 48 18.41 -28.74 2.88
C ARG C 48 18.80 -28.80 1.41
N ALA C 49 18.10 -28.01 0.60
CA ALA C 49 18.37 -27.93 -0.82
C ALA C 49 18.19 -26.46 -1.18
N LEU C 50 19.27 -25.80 -1.58
CA LEU C 50 19.22 -24.39 -1.96
C LEU C 50 19.46 -24.24 -3.45
N TYR C 51 18.89 -23.19 -4.03
CA TYR C 51 19.11 -22.91 -5.44
C TYR C 51 20.52 -22.33 -5.47
N ALA C 52 21.40 -22.99 -6.21
CA ALA C 52 22.80 -22.58 -6.30
C ALA C 52 23.08 -21.08 -6.37
N LYS C 53 22.33 -20.37 -7.20
CA LYS C 53 22.54 -18.94 -7.33
C LYS C 53 21.71 -18.06 -6.38
N PRO C 54 22.29 -16.95 -5.90
CA PRO C 54 21.58 -16.05 -5.00
C PRO C 54 20.60 -15.21 -5.82
N VAL C 55 19.47 -14.86 -5.20
CA VAL C 55 18.47 -14.04 -5.88
C VAL C 55 18.34 -12.72 -5.11
N GLN C 56 18.14 -11.63 -5.85
CA GLN C 56 18.02 -10.32 -5.24
C GLN C 56 16.56 -9.98 -4.98
N VAL C 57 16.16 -9.95 -3.69
CA VAL C 57 14.79 -9.65 -3.31
C VAL C 57 14.50 -8.13 -3.23
N TRP C 58 15.53 -7.32 -3.05
CA TRP C 58 15.35 -5.88 -3.03
C TRP C 58 16.63 -5.12 -3.33
N ASP C 59 16.46 -3.89 -3.85
CA ASP C 59 17.56 -3.03 -4.23
C ASP C 59 17.65 -1.79 -3.36
N SER C 60 18.78 -1.63 -2.67
CA SER C 60 18.98 -0.49 -1.77
C SER C 60 19.02 0.84 -2.50
N THR C 61 19.42 0.81 -3.76
CA THR C 61 19.50 2.04 -4.53
C THR C 61 18.13 2.62 -4.82
N THR C 62 17.20 1.80 -5.26
CA THR C 62 15.85 2.27 -5.57
C THR C 62 14.87 2.06 -4.43
N GLY C 63 15.22 1.18 -3.49
CA GLY C 63 14.34 0.92 -2.37
C GLY C 63 13.23 -0.07 -2.73
N ASN C 64 13.21 -0.49 -3.98
CA ASN C 64 12.21 -1.41 -4.48
C ASN C 64 12.40 -2.85 -4.00
N VAL C 65 11.28 -3.52 -3.78
CA VAL C 65 11.26 -4.89 -3.32
C VAL C 65 10.68 -5.77 -4.41
N ALA C 66 11.21 -6.97 -4.56
CA ALA C 66 10.74 -7.89 -5.59
C ALA C 66 9.46 -8.62 -5.22
N SER C 67 8.74 -9.02 -6.25
CA SER C 67 7.52 -9.80 -6.11
C SER C 67 7.96 -11.18 -6.61
N PHE C 68 7.39 -12.24 -6.06
CA PHE C 68 7.77 -13.55 -6.54
C PHE C 68 6.68 -14.60 -6.38
N GLU C 69 6.80 -15.64 -7.19
CA GLU C 69 5.85 -16.73 -7.15
C GLU C 69 6.67 -18.00 -7.22
N THR C 70 6.29 -18.98 -6.41
CA THR C 70 6.99 -20.24 -6.44
C THR C 70 5.95 -21.35 -6.27
N ARG C 71 6.08 -22.38 -7.10
CA ARG C 71 5.18 -23.52 -7.07
C ARG C 71 6.02 -24.77 -6.90
N PHE C 72 5.55 -25.69 -6.08
CA PHE C 72 6.27 -26.94 -5.89
C PHE C 72 5.35 -28.04 -5.41
N SER C 73 5.79 -29.27 -5.62
CA SER C 73 4.99 -30.40 -5.20
C SER C 73 5.82 -31.23 -4.24
N PHE C 74 5.18 -31.70 -3.18
CA PHE C 74 5.91 -32.51 -2.22
C PHE C 74 5.06 -33.67 -1.80
N SER C 75 5.69 -34.59 -1.10
CA SER C 75 5.00 -35.75 -0.60
C SER C 75 5.60 -36.13 0.74
N ILE C 76 4.73 -36.36 1.71
CA ILE C 76 5.19 -36.76 3.02
C ILE C 76 4.49 -38.07 3.35
N ARG C 77 5.27 -39.13 3.44
CA ARG C 77 4.73 -40.45 3.77
C ARG C 77 5.06 -40.71 5.22
N GLN C 78 4.05 -41.08 6.00
CA GLN C 78 4.21 -41.37 7.42
C GLN C 78 3.89 -42.83 7.73
N PRO C 79 4.88 -43.72 7.53
CA PRO C 79 4.76 -45.16 7.77
C PRO C 79 4.45 -45.53 9.21
N PHE C 80 4.94 -44.71 10.14
CA PHE C 80 4.75 -44.99 11.57
C PHE C 80 3.83 -43.99 12.23
N PRO C 81 2.52 -44.25 12.18
CA PRO C 81 1.56 -43.33 12.80
C PRO C 81 1.94 -43.03 14.25
N ARG C 82 1.94 -44.07 15.08
CA ARG C 82 2.30 -43.93 16.49
C ARG C 82 3.80 -44.18 16.65
N PRO C 83 4.44 -43.50 17.60
CA PRO C 83 3.83 -42.52 18.50
C PRO C 83 3.48 -41.18 17.85
N HIS C 84 4.30 -40.74 16.91
CA HIS C 84 4.05 -39.46 16.25
C HIS C 84 5.09 -39.12 15.20
N PRO C 85 4.65 -38.85 13.96
CA PRO C 85 5.59 -38.50 12.89
C PRO C 85 6.23 -37.14 13.20
N ALA C 86 7.40 -36.87 12.65
CA ALA C 86 8.10 -35.60 12.86
C ALA C 86 9.13 -35.42 11.75
N ASP C 87 9.48 -34.18 11.40
CA ASP C 87 8.94 -32.98 12.02
C ASP C 87 8.21 -32.09 11.01
N GLY C 88 8.56 -32.22 9.74
CA GLY C 88 7.93 -31.43 8.70
C GLY C 88 8.98 -30.86 7.78
N LEU C 89 8.53 -30.09 6.79
CA LEU C 89 9.46 -29.47 5.84
C LEU C 89 9.07 -28.01 5.64
N VAL C 90 10.00 -27.20 5.18
CA VAL C 90 9.71 -25.79 4.95
C VAL C 90 10.34 -25.29 3.68
N PHE C 91 9.81 -24.19 3.19
CA PHE C 91 10.36 -23.51 2.03
C PHE C 91 10.90 -22.26 2.72
N PHE C 92 12.13 -21.86 2.43
CA PHE C 92 12.63 -20.69 3.10
C PHE C 92 13.50 -19.78 2.25
N ILE C 93 13.75 -18.60 2.80
CA ILE C 93 14.57 -17.59 2.18
C ILE C 93 15.49 -17.16 3.30
N ALA C 94 16.78 -17.13 3.03
CA ALA C 94 17.74 -16.74 4.05
C ALA C 94 18.94 -16.09 3.39
N PRO C 95 19.85 -15.51 4.19
CA PRO C 95 21.03 -14.89 3.58
C PRO C 95 21.84 -15.97 2.88
N PRO C 96 22.60 -15.61 1.85
CA PRO C 96 23.37 -16.65 1.17
C PRO C 96 24.46 -17.24 2.05
N ASN C 97 24.95 -18.43 1.70
CA ASN C 97 26.01 -19.09 2.45
C ASN C 97 25.64 -19.51 3.86
N THR C 98 24.35 -19.67 4.16
CA THR C 98 23.97 -20.11 5.49
C THR C 98 24.33 -21.57 5.62
N GLN C 99 24.40 -22.03 6.85
CA GLN C 99 24.74 -23.41 7.14
C GLN C 99 23.52 -24.07 7.77
N THR C 100 23.35 -25.37 7.54
CA THR C 100 22.21 -26.08 8.12
C THR C 100 22.13 -25.81 9.62
N GLY C 101 20.96 -25.43 10.08
CA GLY C 101 20.78 -25.16 11.49
C GLY C 101 20.43 -26.41 12.26
N GLU C 102 19.80 -26.24 13.40
CA GLU C 102 19.41 -27.35 14.26
C GLU C 102 18.31 -28.16 13.57
N GLY C 103 18.25 -29.45 13.86
CA GLY C 103 17.23 -30.31 13.27
C GLY C 103 15.95 -30.30 14.09
N GLY C 104 15.24 -31.42 14.08
CA GLY C 104 13.99 -31.51 14.83
C GLY C 104 13.03 -30.39 14.48
N GLY C 105 12.36 -29.88 15.51
CA GLY C 105 11.39 -28.82 15.33
C GLY C 105 11.93 -27.54 14.71
N TYR C 106 13.23 -27.44 14.52
CA TYR C 106 13.80 -26.24 13.91
C TYR C 106 13.98 -26.41 12.41
N PHE C 107 13.56 -27.58 11.90
CA PHE C 107 13.60 -27.89 10.47
C PHE C 107 14.95 -27.73 9.80
N GLY C 108 15.97 -27.37 10.56
CA GLY C 108 17.29 -27.19 9.99
C GLY C 108 17.56 -25.78 9.51
N ILE C 109 16.65 -24.86 9.80
CA ILE C 109 16.84 -23.46 9.36
C ILE C 109 17.16 -22.52 10.52
N TYR C 110 16.93 -22.98 11.75
CA TYR C 110 17.19 -22.16 12.92
C TYR C 110 18.45 -22.62 13.66
N ASN C 111 19.41 -21.71 13.79
CA ASN C 111 20.67 -21.98 14.46
C ASN C 111 20.74 -21.12 15.72
N PRO C 112 20.35 -21.68 16.88
CA PRO C 112 20.35 -20.97 18.17
C PRO C 112 21.67 -20.27 18.50
N LEU C 113 22.79 -20.97 18.26
CA LEU C 113 24.11 -20.43 18.54
C LEU C 113 24.49 -19.25 17.67
N SER C 114 24.16 -19.32 16.38
CA SER C 114 24.48 -18.25 15.45
C SER C 114 23.28 -17.96 14.57
N PRO C 115 22.18 -17.43 15.16
CA PRO C 115 20.96 -17.14 14.40
C PRO C 115 21.15 -16.23 13.19
N TYR C 116 20.51 -16.59 12.09
CA TYR C 116 20.55 -15.76 10.89
C TYR C 116 19.09 -15.50 10.55
N PRO C 117 18.80 -14.34 9.94
CA PRO C 117 17.41 -14.03 9.59
C PRO C 117 16.89 -14.98 8.52
N PHE C 118 15.57 -15.11 8.43
CA PHE C 118 14.98 -15.97 7.42
C PHE C 118 13.46 -15.84 7.39
N VAL C 119 12.89 -16.04 6.21
CA VAL C 119 11.44 -16.03 6.04
C VAL C 119 11.15 -17.43 5.53
N ALA C 120 10.19 -18.11 6.13
CA ALA C 120 9.90 -19.46 5.69
C ALA C 120 8.44 -19.84 5.80
N VAL C 121 8.03 -20.76 4.94
CA VAL C 121 6.66 -21.27 4.98
C VAL C 121 6.83 -22.73 5.38
N GLU C 122 6.26 -23.08 6.53
CA GLU C 122 6.39 -24.43 7.05
C GLU C 122 5.14 -25.30 6.95
N PHE C 123 5.39 -26.60 6.86
CA PHE C 123 4.36 -27.61 6.81
C PHE C 123 4.82 -28.50 7.96
N ASP C 124 4.34 -28.12 9.15
CA ASP C 124 4.65 -28.75 10.42
C ASP C 124 3.78 -29.97 10.69
N THR C 125 4.44 -31.09 11.02
CA THR C 125 3.73 -32.34 11.30
C THR C 125 3.86 -32.79 12.74
N PHE C 126 4.75 -32.16 13.49
CA PHE C 126 4.96 -32.51 14.89
C PHE C 126 4.65 -31.31 15.79
N ARG C 127 3.85 -31.54 16.82
CA ARG C 127 3.51 -30.45 17.73
C ARG C 127 4.51 -30.19 18.86
N ASN C 128 5.34 -29.16 18.69
CA ASN C 128 6.30 -28.79 19.72
C ASN C 128 5.54 -27.94 20.75
N THR C 129 6.21 -27.56 21.84
CA THR C 129 5.54 -26.77 22.88
C THR C 129 5.00 -25.44 22.36
N TRP C 130 5.65 -24.89 21.34
CA TRP C 130 5.24 -23.61 20.76
C TRP C 130 4.27 -23.75 19.60
N ASP C 131 3.86 -24.96 19.29
CA ASP C 131 2.96 -25.21 18.16
C ASP C 131 1.51 -25.42 18.49
N PRO C 132 0.63 -25.06 17.54
CA PRO C 132 -0.81 -25.26 17.72
C PRO C 132 -1.00 -26.69 17.23
N GLN C 133 -2.23 -27.16 17.07
CA GLN C 133 -2.45 -28.52 16.60
C GLN C 133 -1.78 -28.73 15.24
N ILE C 134 -1.35 -29.98 14.99
CA ILE C 134 -0.70 -30.33 13.73
C ILE C 134 -1.53 -31.39 13.00
N PRO C 135 -1.32 -31.54 11.68
CA PRO C 135 -0.36 -30.74 10.91
C PRO C 135 -0.90 -29.33 10.71
N HIS C 136 -0.01 -28.40 10.35
CA HIS C 136 -0.46 -27.05 10.11
C HIS C 136 0.53 -26.31 9.22
N ILE C 137 0.02 -25.36 8.45
CA ILE C 137 0.88 -24.54 7.61
C ILE C 137 1.14 -23.32 8.48
N GLY C 138 2.37 -22.81 8.45
CA GLY C 138 2.68 -21.66 9.25
C GLY C 138 3.60 -20.74 8.50
N ILE C 139 3.49 -19.46 8.79
CA ILE C 139 4.35 -18.48 8.16
C ILE C 139 5.32 -18.06 9.26
N ASP C 140 6.61 -18.34 9.04
CA ASP C 140 7.64 -18.01 10.02
C ASP C 140 8.55 -16.87 9.57
N VAL C 141 8.85 -15.97 10.50
CA VAL C 141 9.73 -14.84 10.24
C VAL C 141 10.75 -14.81 11.37
N ASN C 142 11.99 -15.19 11.06
CA ASN C 142 13.08 -15.22 12.04
C ASN C 142 12.85 -16.17 13.21
N SER C 143 11.75 -16.92 13.19
CA SER C 143 11.46 -17.82 14.28
C SER C 143 10.55 -18.95 13.84
N VAL C 144 10.62 -20.08 14.55
CA VAL C 144 9.79 -21.23 14.23
C VAL C 144 8.43 -21.06 14.90
N ILE C 145 8.25 -19.95 15.63
CA ILE C 145 6.95 -19.66 16.26
C ILE C 145 6.21 -18.82 15.24
N SER C 146 5.40 -19.49 14.42
CA SER C 146 4.64 -18.87 13.33
C SER C 146 3.83 -17.62 13.68
N THR C 147 3.78 -16.67 12.75
CA THR C 147 3.02 -15.46 12.93
C THR C 147 1.56 -15.80 12.68
N LYS C 148 1.34 -16.66 11.67
CA LYS C 148 0.00 -17.10 11.29
C LYS C 148 0.06 -18.60 11.08
N THR C 149 -1.03 -19.28 11.43
CA THR C 149 -1.08 -20.72 11.31
C THR C 149 -2.45 -21.20 10.81
N VAL C 150 -2.46 -22.30 10.07
CA VAL C 150 -3.72 -22.87 9.58
C VAL C 150 -3.58 -24.40 9.59
N PRO C 151 -4.56 -25.09 10.17
CA PRO C 151 -4.49 -26.56 10.22
C PRO C 151 -4.87 -27.20 8.90
N PHE C 152 -4.31 -28.39 8.63
CA PHE C 152 -4.63 -29.12 7.42
C PHE C 152 -4.52 -30.60 7.68
N THR C 153 -5.19 -31.38 6.84
CA THR C 153 -5.16 -32.83 6.95
C THR C 153 -4.29 -33.37 5.83
N LEU C 154 -3.22 -34.04 6.22
CA LEU C 154 -2.27 -34.59 5.25
C LEU C 154 -2.80 -35.78 4.46
N ASP C 155 -2.40 -35.83 3.20
CA ASP C 155 -2.77 -36.93 2.33
C ASP C 155 -1.51 -37.81 2.42
N ASN C 156 -1.51 -38.71 3.40
CA ASN C 156 -0.39 -39.61 3.64
C ASN C 156 0.15 -40.26 2.37
N GLY C 157 1.37 -39.90 1.99
CA GLY C 157 1.97 -40.47 0.80
C GLY C 157 1.42 -39.89 -0.48
N GLY C 158 0.38 -39.08 -0.36
CA GLY C 158 -0.21 -38.47 -1.53
C GLY C 158 0.65 -37.32 -2.02
N ILE C 159 0.22 -36.67 -3.10
CA ILE C 159 0.95 -35.54 -3.65
C ILE C 159 0.31 -34.23 -3.18
N ALA C 160 1.14 -33.23 -2.90
CA ALA C 160 0.64 -31.94 -2.46
C ALA C 160 1.15 -30.85 -3.38
N ASN C 161 0.25 -29.99 -3.84
CA ASN C 161 0.62 -28.88 -4.69
C ASN C 161 0.63 -27.61 -3.85
N VAL C 162 1.72 -26.86 -3.93
CA VAL C 162 1.84 -25.63 -3.16
C VAL C 162 2.13 -24.43 -4.05
N VAL C 163 1.49 -23.32 -3.73
CA VAL C 163 1.71 -22.09 -4.47
C VAL C 163 2.02 -21.02 -3.42
N ILE C 164 3.20 -20.41 -3.50
CA ILE C 164 3.56 -19.37 -2.57
C ILE C 164 3.77 -18.13 -3.40
N LYS C 165 3.06 -17.05 -3.05
CA LYS C 165 3.15 -15.82 -3.83
C LYS C 165 3.38 -14.61 -2.93
N TYR C 166 4.24 -13.70 -3.40
CA TYR C 166 4.55 -12.50 -2.63
C TYR C 166 4.39 -11.26 -3.50
N ASP C 167 3.55 -10.34 -3.06
CA ASP C 167 3.34 -9.10 -3.82
C ASP C 167 4.01 -7.96 -3.05
N ALA C 168 5.07 -7.42 -3.62
CA ALA C 168 5.80 -6.34 -2.98
C ALA C 168 4.93 -5.12 -2.67
N SER C 169 4.02 -4.77 -3.57
CA SER C 169 3.18 -3.60 -3.35
C SER C 169 2.30 -3.70 -2.12
N THR C 170 1.74 -4.87 -1.84
CA THR C 170 0.87 -5.01 -0.68
C THR C 170 1.59 -5.67 0.49
N LYS C 171 2.74 -6.27 0.22
CA LYS C 171 3.53 -6.96 1.23
C LYS C 171 2.82 -8.21 1.69
N ILE C 172 1.89 -8.70 0.88
CA ILE C 172 1.16 -9.91 1.26
C ILE C 172 1.81 -11.19 0.76
N LEU C 173 2.01 -12.11 1.69
CA LEU C 173 2.59 -13.41 1.38
C LEU C 173 1.43 -14.38 1.51
N HIS C 174 1.01 -14.98 0.40
CA HIS C 174 -0.07 -15.95 0.49
C HIS C 174 0.35 -17.29 -0.05
N VAL C 175 0.01 -18.33 0.70
CA VAL C 175 0.34 -19.69 0.30
C VAL C 175 -0.93 -20.49 0.14
N VAL C 176 -0.91 -21.39 -0.83
CA VAL C 176 -2.04 -22.25 -1.12
C VAL C 176 -1.55 -23.69 -1.08
N LEU C 177 -2.30 -24.54 -0.40
CA LEU C 177 -1.95 -25.95 -0.31
C LEU C 177 -3.11 -26.75 -0.85
N VAL C 178 -2.84 -27.59 -1.83
CA VAL C 178 -3.88 -28.40 -2.43
C VAL C 178 -3.45 -29.86 -2.56
N PHE C 179 -4.33 -30.75 -2.12
CA PHE C 179 -4.11 -32.20 -2.21
C PHE C 179 -5.06 -32.67 -3.31
N PRO C 180 -4.62 -32.65 -4.56
CA PRO C 180 -5.45 -33.07 -5.69
C PRO C 180 -6.26 -34.38 -5.56
N SER C 181 -5.73 -35.37 -4.85
CA SER C 181 -6.48 -36.62 -4.68
C SER C 181 -7.69 -36.44 -3.77
N LEU C 182 -7.53 -35.64 -2.73
CA LEU C 182 -8.63 -35.41 -1.80
C LEU C 182 -9.50 -34.23 -2.23
N GLY C 183 -8.96 -33.41 -3.12
CA GLY C 183 -9.70 -32.25 -3.58
C GLY C 183 -9.74 -31.14 -2.55
N THR C 184 -9.00 -31.29 -1.46
CA THR C 184 -8.99 -30.27 -0.41
C THR C 184 -8.06 -29.08 -0.70
N ILE C 185 -8.49 -27.90 -0.27
CA ILE C 185 -7.77 -26.66 -0.49
C ILE C 185 -7.55 -25.91 0.82
N TYR C 186 -6.31 -25.56 1.11
CA TYR C 186 -6.00 -24.82 2.33
C TYR C 186 -5.29 -23.53 1.95
N THR C 187 -5.69 -22.44 2.58
CA THR C 187 -5.10 -21.15 2.28
C THR C 187 -4.70 -20.37 3.53
N ILE C 188 -3.59 -19.65 3.43
CA ILE C 188 -3.13 -18.82 4.53
C ILE C 188 -2.34 -17.62 3.98
N ALA C 189 -2.45 -16.49 4.67
CA ALA C 189 -1.75 -15.30 4.21
C ALA C 189 -1.36 -14.42 5.39
N ASP C 190 -0.39 -13.54 5.16
CA ASP C 190 0.06 -12.63 6.19
C ASP C 190 0.91 -11.54 5.56
N ILE C 191 1.12 -10.46 6.31
CA ILE C 191 1.92 -9.36 5.84
C ILE C 191 3.35 -9.53 6.33
N VAL C 192 4.29 -9.46 5.41
CA VAL C 192 5.70 -9.63 5.71
C VAL C 192 6.48 -8.63 4.88
N ASP C 193 7.35 -7.85 5.54
CA ASP C 193 8.15 -6.87 4.82
C ASP C 193 9.55 -7.39 4.66
N LEU C 194 9.79 -8.06 3.52
CA LEU C 194 11.10 -8.64 3.23
C LEU C 194 12.27 -7.68 3.44
N LYS C 195 12.11 -6.48 2.91
CA LYS C 195 13.11 -5.42 2.99
C LYS C 195 13.54 -5.20 4.44
N GLN C 196 12.60 -5.41 5.34
CA GLN C 196 12.82 -5.21 6.76
C GLN C 196 13.51 -6.37 7.47
N VAL C 197 13.36 -7.58 6.94
CA VAL C 197 13.93 -8.78 7.55
C VAL C 197 15.12 -9.40 6.85
N LEU C 198 15.19 -9.23 5.55
CA LEU C 198 16.25 -9.86 4.78
C LEU C 198 17.20 -8.93 4.05
N PRO C 199 18.40 -9.44 3.74
CA PRO C 199 19.40 -8.64 3.02
C PRO C 199 19.02 -8.60 1.55
N GLU C 200 19.67 -7.73 0.78
CA GLU C 200 19.35 -7.60 -0.63
C GLU C 200 19.45 -8.89 -1.44
N SER C 201 20.45 -9.72 -1.15
CA SER C 201 20.63 -10.98 -1.86
C SER C 201 20.39 -12.15 -0.92
N VAL C 202 19.64 -13.14 -1.40
CA VAL C 202 19.33 -14.29 -0.57
C VAL C 202 19.34 -15.60 -1.33
N ASN C 203 19.20 -16.69 -0.59
CA ASN C 203 19.13 -18.02 -1.18
C ASN C 203 17.71 -18.51 -0.92
N VAL C 204 17.21 -19.32 -1.83
CA VAL C 204 15.86 -19.86 -1.67
C VAL C 204 16.00 -21.37 -1.70
N GLY C 205 15.17 -22.08 -0.96
CA GLY C 205 15.27 -23.52 -0.97
C GLY C 205 14.37 -24.22 0.02
N PHE C 206 14.64 -25.50 0.25
CA PHE C 206 13.84 -26.27 1.18
C PHE C 206 14.73 -26.84 2.28
N SER C 207 14.09 -27.24 3.37
CA SER C 207 14.80 -27.84 4.48
C SER C 207 13.77 -28.68 5.23
N ALA C 208 14.18 -29.84 5.72
CA ALA C 208 13.27 -30.73 6.42
C ALA C 208 14.02 -31.43 7.54
N ALA C 209 13.29 -32.08 8.44
CA ALA C 209 13.91 -32.80 9.54
C ALA C 209 13.00 -33.86 10.13
N THR C 210 13.61 -34.92 10.62
CA THR C 210 12.86 -36.01 11.22
C THR C 210 13.11 -35.97 12.73
N GLY C 211 12.41 -36.83 13.46
CA GLY C 211 12.54 -36.87 14.90
C GLY C 211 13.96 -36.74 15.43
N ASP C 212 14.12 -35.92 16.45
CA ASP C 212 15.42 -35.70 17.07
C ASP C 212 15.64 -36.79 18.13
N PRO C 213 16.87 -37.31 18.22
CA PRO C 213 17.25 -38.37 19.17
C PRO C 213 16.76 -38.13 20.59
N SER C 214 16.82 -36.86 21.00
CA SER C 214 16.40 -36.46 22.34
C SER C 214 14.98 -36.91 22.68
N GLY C 215 14.16 -37.08 21.64
CA GLY C 215 12.79 -37.51 21.86
C GLY C 215 12.67 -38.99 22.16
N LYS C 216 13.78 -39.70 21.95
CA LYS C 216 13.84 -41.14 22.21
C LYS C 216 12.81 -41.96 21.43
N GLN C 217 12.28 -41.42 20.35
CA GLN C 217 11.29 -42.13 19.54
C GLN C 217 11.82 -42.32 18.13
N ARG C 218 12.23 -43.54 17.80
CA ARG C 218 12.75 -43.81 16.46
C ARG C 218 11.65 -43.77 15.40
N ASN C 219 10.40 -43.88 15.84
CA ASN C 219 9.23 -43.83 14.95
C ASN C 219 8.87 -42.39 14.55
N ALA C 220 9.46 -41.42 15.25
CA ALA C 220 9.19 -40.03 14.95
C ALA C 220 9.92 -39.66 13.66
N THR C 221 9.34 -40.06 12.53
CA THR C 221 9.95 -39.78 11.24
C THR C 221 8.94 -39.93 10.12
N GLU C 222 9.36 -39.54 8.93
CA GLU C 222 8.51 -39.59 7.74
C GLU C 222 9.40 -39.16 6.60
N THR C 223 8.86 -39.16 5.39
CA THR C 223 9.65 -38.72 4.25
C THR C 223 9.33 -37.26 4.00
N HIS C 224 10.23 -36.58 3.30
CA HIS C 224 10.06 -35.19 2.97
C HIS C 224 10.60 -35.07 1.55
N ASP C 225 9.81 -35.55 0.59
CA ASP C 225 10.22 -35.51 -0.81
C ASP C 225 9.61 -34.37 -1.61
N ILE C 226 10.41 -33.82 -2.50
CA ILE C 226 9.99 -32.74 -3.37
C ILE C 226 10.06 -33.23 -4.81
N LEU C 227 8.90 -33.24 -5.47
CA LEU C 227 8.79 -33.73 -6.83
C LEU C 227 9.14 -32.74 -7.92
N SER C 228 8.73 -31.49 -7.77
CA SER C 228 9.06 -30.46 -8.77
C SER C 228 9.13 -29.09 -8.11
N TRP C 229 9.72 -28.13 -8.82
CA TRP C 229 9.87 -26.81 -8.25
C TRP C 229 10.18 -25.73 -9.26
N SER C 230 9.34 -24.71 -9.30
CA SER C 230 9.57 -23.59 -10.22
C SER C 230 9.58 -22.32 -9.39
N PHE C 231 10.37 -21.35 -9.82
CA PHE C 231 10.47 -20.10 -9.08
C PHE C 231 10.59 -18.90 -9.99
N SER C 232 9.96 -17.81 -9.60
CA SER C 232 10.02 -16.60 -10.38
C SER C 232 10.02 -15.38 -9.46
N ALA C 233 10.81 -14.37 -9.82
CA ALA C 233 10.91 -13.15 -9.04
C ALA C 233 11.11 -11.97 -9.96
N SER C 234 10.58 -10.82 -9.58
CA SER C 234 10.75 -9.65 -10.41
C SER C 234 11.00 -8.42 -9.55
N LEU C 235 12.13 -7.77 -9.78
CA LEU C 235 12.51 -6.58 -9.04
C LEU C 235 12.43 -5.44 -10.03
N PRO C 236 11.32 -4.69 -10.03
CA PRO C 236 11.14 -3.57 -10.96
C PRO C 236 12.29 -2.56 -10.79
N GLY C 237 12.69 -2.37 -9.54
CA GLY C 237 13.77 -1.45 -9.23
C GLY C 237 15.08 -1.88 -9.84
N LYS D 1 -20.80 -13.81 18.18
CA LYS D 1 -21.75 -14.47 17.23
C LYS D 1 -20.99 -15.28 16.18
N THR D 2 -21.63 -16.33 15.67
CA THR D 2 -21.04 -17.18 14.65
C THR D 2 -22.08 -17.80 13.73
N ILE D 3 -22.30 -17.16 12.59
CA ILE D 3 -23.25 -17.67 11.61
C ILE D 3 -22.49 -18.61 10.67
N SER D 4 -23.17 -19.61 10.12
CA SER D 4 -22.51 -20.53 9.19
C SER D 4 -23.47 -21.46 8.46
N PHE D 5 -23.84 -21.11 7.24
CA PHE D 5 -24.75 -21.94 6.46
C PHE D 5 -24.04 -22.77 5.40
N ASN D 6 -24.80 -23.59 4.68
CA ASN D 6 -24.22 -24.46 3.67
C ASN D 6 -25.27 -24.89 2.63
N PHE D 7 -24.83 -25.25 1.43
CA PHE D 7 -25.71 -25.68 0.35
C PHE D 7 -24.96 -26.70 -0.52
N ASN D 8 -25.05 -27.98 -0.16
CA ASN D 8 -24.36 -29.02 -0.92
C ASN D 8 -24.86 -29.01 -2.37
N GLN D 9 -26.05 -28.48 -2.55
CA GLN D 9 -26.67 -28.34 -3.85
C GLN D 9 -27.87 -27.45 -3.58
N PHE D 10 -28.49 -26.95 -4.62
CA PHE D 10 -29.63 -26.06 -4.43
C PHE D 10 -30.96 -26.75 -4.65
N HIS D 11 -31.93 -26.41 -3.82
CA HIS D 11 -33.24 -27.01 -3.92
C HIS D 11 -34.30 -26.04 -4.41
N GLN D 12 -35.14 -26.56 -5.29
CA GLN D 12 -36.26 -25.83 -5.87
C GLN D 12 -36.99 -25.12 -4.72
N ASN D 13 -37.19 -23.82 -4.83
CA ASN D 13 -37.89 -23.08 -3.79
C ASN D 13 -37.19 -23.23 -2.45
N GLU D 14 -35.97 -22.70 -2.36
CA GLU D 14 -35.20 -22.75 -1.12
C GLU D 14 -35.57 -21.51 -0.31
N GLU D 15 -36.03 -21.71 0.92
CA GLU D 15 -36.45 -20.62 1.80
C GLU D 15 -35.27 -19.81 2.34
N GLN D 16 -34.07 -20.37 2.22
CA GLN D 16 -32.86 -19.71 2.70
C GLN D 16 -32.28 -18.72 1.70
N LEU D 17 -32.64 -18.87 0.42
CA LEU D 17 -32.14 -17.98 -0.60
C LEU D 17 -33.15 -16.99 -1.11
N LYS D 18 -32.66 -15.86 -1.60
CA LYS D 18 -33.51 -14.83 -2.15
C LYS D 18 -33.03 -14.62 -3.58
N LEU D 19 -33.83 -15.07 -4.54
CA LEU D 19 -33.45 -14.93 -5.94
C LEU D 19 -34.01 -13.64 -6.54
N GLN D 20 -33.20 -12.99 -7.38
CA GLN D 20 -33.61 -11.74 -8.01
C GLN D 20 -33.41 -11.81 -9.50
N ARG D 21 -34.28 -11.12 -10.23
CA ARG D 21 -34.25 -11.05 -11.69
C ARG D 21 -34.28 -12.43 -12.35
N ASP D 22 -33.37 -12.67 -13.29
CA ASP D 22 -33.32 -13.93 -14.03
C ASP D 22 -32.82 -15.15 -13.27
N ALA D 23 -32.34 -14.94 -12.05
CA ALA D 23 -31.83 -16.06 -11.26
C ALA D 23 -32.92 -17.11 -10.97
N ARG D 24 -32.60 -18.38 -11.19
CA ARG D 24 -33.54 -19.47 -10.96
C ARG D 24 -32.80 -20.78 -10.66
N ILE D 25 -33.44 -21.66 -9.89
CA ILE D 25 -32.86 -22.95 -9.54
C ILE D 25 -33.36 -24.02 -10.50
N SER D 26 -32.46 -24.66 -11.22
CA SER D 26 -32.85 -25.69 -12.17
C SER D 26 -33.44 -26.92 -11.48
N SER D 27 -34.10 -27.76 -12.27
CA SER D 27 -34.72 -28.97 -11.75
C SER D 27 -33.70 -29.93 -11.13
N ASN D 28 -32.49 -29.92 -11.65
CA ASN D 28 -31.45 -30.81 -11.13
C ASN D 28 -30.52 -30.19 -10.08
N SER D 29 -31.07 -29.27 -9.28
CA SER D 29 -30.31 -28.66 -8.18
C SER D 29 -29.24 -27.58 -8.32
N VAL D 30 -28.99 -27.06 -9.51
CA VAL D 30 -27.97 -26.03 -9.67
C VAL D 30 -28.60 -24.63 -9.69
N LEU D 31 -27.87 -23.64 -9.17
CA LEU D 31 -28.36 -22.26 -9.15
C LEU D 31 -27.90 -21.55 -10.41
N GLU D 32 -28.84 -21.32 -11.32
CA GLU D 32 -28.52 -20.65 -12.57
C GLU D 32 -28.79 -19.16 -12.42
N LEU D 33 -27.71 -18.39 -12.30
CA LEU D 33 -27.78 -16.96 -12.12
C LEU D 33 -28.35 -16.26 -13.34
N THR D 34 -27.91 -16.70 -14.51
CA THR D 34 -28.38 -16.10 -15.75
C THR D 34 -29.24 -17.04 -16.57
N LYS D 35 -30.18 -16.42 -17.29
CA LYS D 35 -31.15 -17.10 -18.16
C LYS D 35 -30.52 -18.11 -19.12
N VAL D 36 -31.11 -19.29 -19.20
CA VAL D 36 -30.64 -20.33 -20.11
C VAL D 36 -31.87 -21.11 -20.58
N VAL D 37 -32.20 -21.01 -21.86
CA VAL D 37 -33.36 -21.71 -22.42
C VAL D 37 -32.98 -22.91 -23.29
N ASN D 38 -33.45 -24.07 -22.86
CA ASN D 38 -33.20 -25.32 -23.58
C ASN D 38 -31.71 -25.56 -23.78
N GLY D 39 -30.95 -25.50 -22.68
CA GLY D 39 -29.52 -25.73 -22.72
C GLY D 39 -28.71 -24.68 -23.45
N VAL D 40 -29.31 -23.51 -23.66
CA VAL D 40 -28.61 -22.44 -24.36
C VAL D 40 -28.67 -21.13 -23.58
N PRO D 41 -27.51 -20.58 -23.18
CA PRO D 41 -27.49 -19.34 -22.43
C PRO D 41 -27.99 -18.16 -23.28
N THR D 42 -28.71 -17.25 -22.65
CA THR D 42 -29.27 -16.08 -23.33
C THR D 42 -28.49 -14.81 -23.00
N TRP D 43 -28.64 -13.80 -23.85
CA TRP D 43 -27.96 -12.54 -23.61
C TRP D 43 -28.98 -11.65 -22.88
N ASN D 44 -28.61 -10.41 -22.59
CA ASN D 44 -29.50 -9.49 -21.88
C ASN D 44 -30.07 -10.14 -20.63
N SER D 45 -29.26 -10.94 -19.94
CA SER D 45 -29.70 -11.60 -18.72
C SER D 45 -28.90 -11.16 -17.50
N THR D 46 -29.60 -11.01 -16.37
CA THR D 46 -29.00 -10.59 -15.12
C THR D 46 -29.71 -11.28 -13.96
N GLY D 47 -28.96 -11.84 -13.03
CA GLY D 47 -29.58 -12.51 -11.90
C GLY D 47 -28.70 -12.47 -10.65
N ARG D 48 -29.35 -12.46 -9.50
CA ARG D 48 -28.65 -12.42 -8.22
C ARG D 48 -29.27 -13.45 -7.28
N ALA D 49 -28.48 -13.89 -6.30
CA ALA D 49 -28.94 -14.85 -5.31
C ALA D 49 -28.32 -14.39 -4.01
N LEU D 50 -29.16 -13.96 -3.07
CA LEU D 50 -28.71 -13.49 -1.77
C LEU D 50 -29.10 -14.48 -0.68
N TYR D 51 -28.31 -14.53 0.37
CA TYR D 51 -28.64 -15.39 1.50
C TYR D 51 -29.76 -14.62 2.21
N ALA D 52 -30.93 -15.24 2.34
CA ALA D 52 -32.09 -14.61 2.97
C ALA D 52 -31.83 -13.73 4.19
N LYS D 53 -31.03 -14.22 5.12
CA LYS D 53 -30.76 -13.47 6.34
C LYS D 53 -29.52 -12.58 6.27
N PRO D 54 -29.59 -11.39 6.89
CA PRO D 54 -28.44 -10.49 6.89
C PRO D 54 -27.39 -10.99 7.87
N VAL D 55 -26.13 -10.71 7.58
CA VAL D 55 -25.02 -11.14 8.43
C VAL D 55 -24.33 -9.88 8.96
N GLN D 56 -23.88 -9.93 10.21
CA GLN D 56 -23.22 -8.78 10.80
C GLN D 56 -21.71 -8.90 10.66
N VAL D 57 -21.12 -8.05 9.82
CA VAL D 57 -19.68 -8.10 9.61
C VAL D 57 -18.87 -7.29 10.62
N TRP D 58 -19.52 -6.37 11.34
CA TRP D 58 -18.82 -5.62 12.38
C TRP D 58 -19.78 -4.98 13.37
N ASP D 59 -19.28 -4.77 14.59
CA ASP D 59 -20.07 -4.21 15.67
C ASP D 59 -19.57 -2.83 16.09
N SER D 60 -20.45 -1.83 15.99
CA SER D 60 -20.12 -0.46 16.35
C SER D 60 -19.79 -0.29 17.83
N THR D 61 -20.40 -1.13 18.65
CA THR D 61 -20.20 -1.11 20.09
C THR D 61 -18.76 -1.42 20.49
N THR D 62 -18.26 -2.53 19.95
CA THR D 62 -16.92 -3.01 20.23
C THR D 62 -15.88 -2.55 19.22
N GLY D 63 -16.35 -2.21 18.02
CA GLY D 63 -15.44 -1.78 16.97
C GLY D 63 -14.83 -2.97 16.27
N ASN D 64 -15.17 -4.16 16.73
CA ASN D 64 -14.65 -5.40 16.16
C ASN D 64 -15.23 -5.73 14.79
N VAL D 65 -14.40 -6.32 13.93
CA VAL D 65 -14.82 -6.71 12.61
C VAL D 65 -14.72 -8.23 12.49
N ALA D 66 -15.68 -8.83 11.79
CA ALA D 66 -15.72 -10.27 11.63
C ALA D 66 -14.72 -10.82 10.61
N SER D 67 -14.38 -12.09 10.80
CA SER D 67 -13.51 -12.81 9.90
C SER D 67 -14.46 -13.80 9.26
N PHE D 68 -14.23 -14.16 8.01
CA PHE D 68 -15.11 -15.11 7.39
C PHE D 68 -14.43 -15.93 6.31
N GLU D 69 -15.04 -17.07 6.01
CA GLU D 69 -14.55 -17.95 4.97
C GLU D 69 -15.77 -18.41 4.20
N THR D 70 -15.64 -18.47 2.88
CA THR D 70 -16.73 -18.93 2.06
C THR D 70 -16.14 -19.74 0.93
N ARG D 71 -16.73 -20.89 0.67
CA ARG D 71 -16.29 -21.77 -0.39
C ARG D 71 -17.48 -22.04 -1.28
N PHE D 72 -17.24 -22.11 -2.59
CA PHE D 72 -18.31 -22.40 -3.52
C PHE D 72 -17.77 -22.94 -4.82
N SER D 73 -18.62 -23.66 -5.55
CA SER D 73 -18.25 -24.23 -6.83
C SER D 73 -19.11 -23.62 -7.90
N PHE D 74 -18.51 -23.26 -9.02
CA PHE D 74 -19.29 -22.68 -10.10
C PHE D 74 -18.85 -23.31 -11.40
N SER D 75 -19.63 -23.05 -12.44
CA SER D 75 -19.30 -23.56 -13.76
C SER D 75 -19.77 -22.51 -14.77
N ILE D 76 -18.88 -22.22 -15.73
CA ILE D 76 -19.20 -21.26 -16.76
C ILE D 76 -18.99 -21.97 -18.07
N ARG D 77 -20.07 -22.20 -18.81
CA ARG D 77 -19.97 -22.85 -20.10
C ARG D 77 -20.11 -21.77 -21.14
N GLN D 78 -19.13 -21.72 -22.04
CA GLN D 78 -19.13 -20.73 -23.10
C GLN D 78 -19.41 -21.45 -24.43
N PRO D 79 -20.71 -21.67 -24.75
CA PRO D 79 -21.14 -22.35 -25.97
C PRO D 79 -20.57 -21.74 -27.25
N PHE D 80 -20.57 -20.41 -27.28
CA PHE D 80 -20.09 -19.68 -28.44
C PHE D 80 -18.72 -19.05 -28.20
N PRO D 81 -17.66 -19.70 -28.70
CA PRO D 81 -16.29 -19.20 -28.54
C PRO D 81 -16.12 -17.80 -29.13
N ARG D 82 -16.95 -17.49 -30.12
CA ARG D 82 -16.91 -16.19 -30.79
C ARG D 82 -18.31 -15.57 -30.82
N PRO D 83 -18.39 -14.24 -30.89
CA PRO D 83 -17.26 -13.30 -30.92
C PRO D 83 -16.54 -13.20 -29.58
N HIS D 84 -17.32 -13.13 -28.51
CA HIS D 84 -16.78 -12.98 -27.17
C HIS D 84 -17.81 -13.26 -26.10
N PRO D 85 -17.53 -14.22 -25.20
CA PRO D 85 -18.44 -14.59 -24.11
C PRO D 85 -18.52 -13.44 -23.11
N ALA D 86 -19.62 -13.33 -22.38
CA ALA D 86 -19.79 -12.24 -21.42
C ALA D 86 -20.88 -12.53 -20.39
N ASP D 87 -20.79 -11.94 -19.19
CA ASP D 87 -19.73 -11.02 -18.77
C ASP D 87 -18.94 -11.58 -17.61
N GLY D 88 -19.55 -12.48 -16.85
CA GLY D 88 -18.89 -13.07 -15.70
C GLY D 88 -19.81 -13.07 -14.49
N LEU D 89 -19.30 -13.57 -13.37
CA LEU D 89 -20.10 -13.62 -12.16
C LEU D 89 -19.26 -13.12 -10.99
N VAL D 90 -19.91 -12.68 -9.92
CA VAL D 90 -19.19 -12.22 -8.75
C VAL D 90 -19.84 -12.68 -7.47
N PHE D 91 -19.04 -12.67 -6.41
CA PHE D 91 -19.54 -12.99 -5.08
C PHE D 91 -19.44 -11.60 -4.47
N PHE D 92 -20.48 -11.15 -3.78
CA PHE D 92 -20.39 -9.82 -3.23
C PHE D 92 -21.02 -9.64 -1.86
N ILE D 93 -20.70 -8.50 -1.26
CA ILE D 93 -21.18 -8.12 0.05
C ILE D 93 -21.68 -6.69 -0.16
N ALA D 94 -22.91 -6.43 0.25
CA ALA D 94 -23.46 -5.10 0.08
C ALA D 94 -24.47 -4.81 1.18
N PRO D 95 -24.92 -3.56 1.28
CA PRO D 95 -25.90 -3.21 2.32
C PRO D 95 -27.15 -4.05 2.09
N PRO D 96 -27.90 -4.35 3.15
CA PRO D 96 -29.10 -5.14 2.97
C PRO D 96 -30.15 -4.43 2.13
N ASN D 97 -31.02 -5.21 1.50
CA ASN D 97 -32.10 -4.69 0.67
C ASN D 97 -31.63 -3.71 -0.42
N THR D 98 -30.73 -4.17 -1.29
CA THR D 98 -30.26 -3.35 -2.41
C THR D 98 -30.85 -3.96 -3.67
N GLN D 99 -31.12 -3.11 -4.66
CA GLN D 99 -31.69 -3.59 -5.92
C GLN D 99 -30.59 -3.89 -6.92
N THR D 100 -30.89 -4.79 -7.85
CA THR D 100 -29.95 -5.17 -8.89
C THR D 100 -29.48 -3.94 -9.67
N GLY D 101 -28.17 -3.85 -9.87
CA GLY D 101 -27.61 -2.72 -10.60
C GLY D 101 -27.63 -2.96 -12.09
N GLU D 102 -26.76 -2.27 -12.81
CA GLU D 102 -26.70 -2.40 -14.25
C GLU D 102 -26.14 -3.79 -14.62
N GLY D 103 -26.54 -4.28 -15.79
CA GLY D 103 -26.06 -5.58 -16.25
C GLY D 103 -24.74 -5.48 -16.98
N GLY D 104 -24.55 -6.37 -17.95
CA GLY D 104 -23.31 -6.37 -18.71
C GLY D 104 -22.08 -6.43 -17.83
N GLY D 105 -21.07 -5.63 -18.19
CA GLY D 105 -19.82 -5.60 -17.46
C GLY D 105 -19.92 -5.15 -16.02
N TYR D 106 -21.11 -4.72 -15.59
CA TYR D 106 -21.31 -4.31 -14.21
C TYR D 106 -21.83 -5.45 -13.35
N PHE D 107 -21.99 -6.62 -13.97
CA PHE D 107 -22.44 -7.84 -13.30
C PHE D 107 -23.75 -7.72 -12.51
N GLY D 108 -24.38 -6.55 -12.55
CA GLY D 108 -25.61 -6.36 -11.82
C GLY D 108 -25.40 -5.87 -10.40
N ILE D 109 -24.16 -5.51 -10.04
CA ILE D 109 -23.92 -5.02 -8.69
C ILE D 109 -23.57 -3.53 -8.66
N TYR D 110 -23.29 -2.95 -9.81
CA TYR D 110 -22.95 -1.54 -9.85
C TYR D 110 -24.09 -0.72 -10.46
N ASN D 111 -24.57 0.25 -9.70
CA ASN D 111 -25.66 1.12 -10.15
C ASN D 111 -25.10 2.54 -10.26
N PRO D 112 -24.71 2.95 -11.47
CA PRO D 112 -24.16 4.29 -11.72
C PRO D 112 -25.01 5.44 -11.23
N LEU D 113 -26.31 5.34 -11.50
CA LEU D 113 -27.27 6.34 -11.10
C LEU D 113 -27.24 6.48 -9.59
N SER D 114 -27.68 5.43 -8.91
CA SER D 114 -27.72 5.43 -7.45
C SER D 114 -26.82 4.34 -6.90
N PRO D 115 -25.53 4.67 -6.71
CA PRO D 115 -24.49 3.75 -6.20
C PRO D 115 -24.55 3.42 -4.72
N TYR D 116 -24.30 2.15 -4.41
CA TYR D 116 -24.24 1.70 -3.03
C TYR D 116 -22.88 1.03 -2.87
N PRO D 117 -22.29 1.11 -1.66
CA PRO D 117 -20.98 0.48 -1.45
C PRO D 117 -21.06 -1.03 -1.59
N PHE D 118 -19.93 -1.66 -1.86
CA PHE D 118 -19.90 -3.10 -1.99
C PHE D 118 -18.47 -3.61 -2.16
N VAL D 119 -18.26 -4.84 -1.70
CA VAL D 119 -16.97 -5.49 -1.83
C VAL D 119 -17.30 -6.73 -2.64
N ALA D 120 -16.54 -6.98 -3.70
CA ALA D 120 -16.83 -8.15 -4.53
C ALA D 120 -15.62 -8.80 -5.13
N VAL D 121 -15.74 -10.11 -5.36
CA VAL D 121 -14.68 -10.86 -6.01
C VAL D 121 -15.30 -11.28 -7.34
N GLU D 122 -14.69 -10.83 -8.42
CA GLU D 122 -15.22 -11.09 -9.74
C GLU D 122 -14.42 -12.08 -10.57
N PHE D 123 -15.14 -12.75 -11.45
CA PHE D 123 -14.57 -13.71 -12.39
C PHE D 123 -15.08 -13.16 -13.70
N ASP D 124 -14.29 -12.22 -14.22
CA ASP D 124 -14.57 -11.49 -15.45
C ASP D 124 -14.19 -12.24 -16.70
N THR D 125 -15.14 -12.34 -17.63
CA THR D 125 -14.93 -13.06 -18.88
C THR D 125 -14.93 -12.16 -20.11
N PHE D 126 -15.38 -10.92 -19.95
CA PHE D 126 -15.44 -9.97 -21.04
C PHE D 126 -14.55 -8.77 -20.76
N ARG D 127 -13.71 -8.40 -21.72
CA ARG D 127 -12.84 -7.27 -21.51
C ARG D 127 -13.44 -5.92 -21.84
N ASN D 128 -13.84 -5.18 -20.81
CA ASN D 128 -14.38 -3.85 -20.99
C ASN D 128 -13.19 -2.89 -21.11
N THR D 129 -13.47 -1.62 -21.37
CA THR D 129 -12.44 -0.62 -21.53
C THR D 129 -11.51 -0.49 -20.32
N TRP D 130 -12.07 -0.74 -19.14
CA TRP D 130 -11.34 -0.64 -17.88
C TRP D 130 -10.72 -1.96 -17.43
N ASP D 131 -10.87 -3.00 -18.25
CA ASP D 131 -10.35 -4.33 -17.91
C ASP D 131 -9.02 -4.72 -18.52
N PRO D 132 -8.25 -5.56 -17.81
CA PRO D 132 -6.98 -6.03 -18.34
C PRO D 132 -7.40 -7.27 -19.15
N GLN D 133 -6.46 -8.10 -19.60
CA GLN D 133 -6.84 -9.28 -20.38
C GLN D 133 -7.81 -10.16 -19.58
N ILE D 134 -8.75 -10.81 -20.29
CA ILE D 134 -9.70 -11.71 -19.64
C ILE D 134 -9.43 -13.14 -20.13
N PRO D 135 -9.88 -14.15 -19.37
CA PRO D 135 -10.63 -13.99 -18.13
C PRO D 135 -9.67 -13.56 -17.03
N HIS D 136 -10.20 -12.98 -15.96
CA HIS D 136 -9.37 -12.60 -14.84
C HIS D 136 -10.16 -12.54 -13.56
N ILE D 137 -9.48 -12.78 -12.44
CA ILE D 137 -10.10 -12.69 -11.13
C ILE D 137 -9.79 -11.27 -10.72
N GLY D 138 -10.74 -10.61 -10.08
CA GLY D 138 -10.49 -9.24 -9.65
C GLY D 138 -11.12 -8.99 -8.31
N ILE D 139 -10.51 -8.10 -7.55
CA ILE D 139 -11.07 -7.73 -6.26
C ILE D 139 -11.63 -6.33 -6.48
N ASP D 140 -12.94 -6.19 -6.30
CA ASP D 140 -13.61 -4.91 -6.49
C ASP D 140 -14.11 -4.32 -5.18
N VAL D 141 -13.91 -3.02 -5.03
CA VAL D 141 -14.35 -2.28 -3.86
C VAL D 141 -15.09 -1.04 -4.36
N ASN D 142 -16.42 -1.05 -4.24
CA ASN D 142 -17.24 0.08 -4.68
C ASN D 142 -17.20 0.34 -6.17
N SER D 143 -16.47 -0.47 -6.92
CA SER D 143 -16.42 -0.25 -8.35
C SER D 143 -15.98 -1.51 -9.06
N VAL D 144 -16.32 -1.56 -10.33
CA VAL D 144 -16.01 -2.69 -11.17
C VAL D 144 -14.59 -2.57 -11.72
N ILE D 145 -13.90 -1.50 -11.36
CA ILE D 145 -12.50 -1.29 -11.77
C ILE D 145 -11.68 -1.89 -10.61
N SER D 146 -11.33 -3.17 -10.75
CA SER D 146 -10.61 -3.91 -9.72
C SER D 146 -9.36 -3.25 -9.14
N THR D 147 -9.13 -3.48 -7.85
CA THR D 147 -7.96 -2.94 -7.16
C THR D 147 -6.79 -3.85 -7.53
N LYS D 148 -7.05 -5.14 -7.62
CA LYS D 148 -6.04 -6.14 -7.98
C LYS D 148 -6.68 -7.10 -8.96
N THR D 149 -5.88 -7.58 -9.89
CA THR D 149 -6.34 -8.48 -10.93
C THR D 149 -5.34 -9.60 -11.19
N VAL D 150 -5.85 -10.76 -11.59
CA VAL D 150 -4.97 -11.88 -11.91
C VAL D 150 -5.64 -12.67 -13.05
N PRO D 151 -4.89 -12.94 -14.12
CA PRO D 151 -5.46 -13.68 -15.24
C PRO D 151 -5.56 -15.18 -15.00
N PHE D 152 -6.56 -15.81 -15.60
CA PHE D 152 -6.74 -17.25 -15.48
C PHE D 152 -7.33 -17.84 -16.75
N THR D 153 -7.11 -19.14 -16.95
CA THR D 153 -7.62 -19.85 -18.11
C THR D 153 -8.82 -20.66 -17.66
N LEU D 154 -9.97 -20.35 -18.23
CA LEU D 154 -11.21 -21.04 -17.89
C LEU D 154 -11.30 -22.48 -18.37
N ASP D 155 -11.90 -23.33 -17.55
CA ASP D 155 -12.10 -24.72 -17.92
C ASP D 155 -13.54 -24.67 -18.41
N ASN D 156 -13.71 -24.43 -19.70
CA ASN D 156 -15.03 -24.33 -20.32
C ASN D 156 -15.96 -25.46 -19.93
N GLY D 157 -17.02 -25.12 -19.21
CA GLY D 157 -17.99 -26.12 -18.78
C GLY D 157 -17.49 -26.98 -17.64
N GLY D 158 -16.22 -26.84 -17.29
CA GLY D 158 -15.66 -27.61 -16.20
C GLY D 158 -16.12 -27.05 -14.86
N ILE D 159 -15.68 -27.66 -13.77
CA ILE D 159 -16.05 -27.20 -12.44
C ILE D 159 -14.91 -26.36 -11.87
N ALA D 160 -15.27 -25.31 -11.14
CA ALA D 160 -14.28 -24.43 -10.52
C ALA D 160 -14.51 -24.36 -9.03
N ASN D 161 -13.45 -24.55 -8.24
CA ASN D 161 -13.59 -24.47 -6.79
C ASN D 161 -12.96 -23.15 -6.35
N VAL D 162 -13.71 -22.41 -5.55
CA VAL D 162 -13.23 -21.14 -5.07
C VAL D 162 -13.23 -21.08 -3.57
N VAL D 163 -12.21 -20.44 -3.03
CA VAL D 163 -12.09 -20.26 -1.59
C VAL D 163 -11.82 -18.78 -1.36
N ILE D 164 -12.71 -18.11 -0.65
CA ILE D 164 -12.49 -16.70 -0.36
C ILE D 164 -12.40 -16.59 1.14
N LYS D 165 -11.32 -15.98 1.61
CA LYS D 165 -11.06 -15.85 3.04
C LYS D 165 -10.71 -14.43 3.45
N TYR D 166 -11.27 -13.98 4.56
CA TYR D 166 -11.00 -12.64 5.07
C TYR D 166 -10.55 -12.70 6.52
N ASP D 167 -9.38 -12.14 6.79
CA ASP D 167 -8.80 -12.11 8.12
C ASP D 167 -8.93 -10.68 8.66
N ALA D 168 -9.82 -10.46 9.62
CA ALA D 168 -9.99 -9.13 10.17
C ALA D 168 -8.71 -8.54 10.75
N SER D 169 -7.91 -9.36 11.41
CA SER D 169 -6.67 -8.90 12.02
C SER D 169 -5.68 -8.27 11.04
N THR D 170 -5.53 -8.87 9.87
CA THR D 170 -4.61 -8.34 8.88
C THR D 170 -5.31 -7.58 7.78
N LYS D 171 -6.62 -7.71 7.72
CA LYS D 171 -7.44 -7.07 6.69
C LYS D 171 -7.15 -7.65 5.30
N ILE D 172 -6.59 -8.85 5.27
CA ILE D 172 -6.27 -9.49 4.01
C ILE D 172 -7.42 -10.30 3.46
N LEU D 173 -7.77 -10.02 2.21
CA LEU D 173 -8.80 -10.78 1.54
C LEU D 173 -8.07 -11.62 0.49
N HIS D 174 -8.08 -12.93 0.66
CA HIS D 174 -7.42 -13.77 -0.35
C HIS D 174 -8.37 -14.78 -0.93
N VAL D 175 -8.32 -14.89 -2.24
CA VAL D 175 -9.17 -15.79 -2.98
C VAL D 175 -8.31 -16.80 -3.73
N VAL D 176 -8.80 -18.02 -3.80
CA VAL D 176 -8.11 -19.10 -4.48
C VAL D 176 -9.08 -19.70 -5.49
N LEU D 177 -8.59 -19.90 -6.70
CA LEU D 177 -9.38 -20.47 -7.77
C LEU D 177 -8.70 -21.74 -8.25
N VAL D 178 -9.43 -22.86 -8.20
CA VAL D 178 -8.85 -24.11 -8.65
C VAL D 178 -9.78 -24.84 -9.60
N PHE D 179 -9.20 -25.32 -10.71
CA PHE D 179 -9.93 -26.09 -11.70
C PHE D 179 -9.43 -27.51 -11.56
N PRO D 180 -10.05 -28.30 -10.66
CA PRO D 180 -9.65 -29.69 -10.43
C PRO D 180 -9.34 -30.57 -11.65
N SER D 181 -10.04 -30.38 -12.75
CA SER D 181 -9.79 -31.19 -13.94
C SER D 181 -8.45 -30.83 -14.60
N LEU D 182 -8.13 -29.55 -14.62
CA LEU D 182 -6.90 -29.08 -15.22
C LEU D 182 -5.75 -29.08 -14.21
N GLY D 183 -6.10 -29.13 -12.93
CA GLY D 183 -5.09 -29.12 -11.88
C GLY D 183 -4.46 -27.75 -11.69
N THR D 184 -5.03 -26.73 -12.34
CA THR D 184 -4.51 -25.38 -12.25
C THR D 184 -4.96 -24.64 -10.99
N ILE D 185 -4.07 -23.82 -10.43
CA ILE D 185 -4.36 -23.06 -9.22
C ILE D 185 -4.06 -21.59 -9.43
N TYR D 186 -5.02 -20.73 -9.10
CA TYR D 186 -4.88 -19.29 -9.25
C TYR D 186 -5.10 -18.63 -7.91
N THR D 187 -4.22 -17.71 -7.55
CA THR D 187 -4.34 -17.04 -6.28
C THR D 187 -4.20 -15.52 -6.38
N ILE D 188 -4.99 -14.81 -5.59
CA ILE D 188 -4.94 -13.35 -5.57
C ILE D 188 -5.35 -12.83 -4.18
N ALA D 189 -4.74 -11.73 -3.77
CA ALA D 189 -5.05 -11.16 -2.46
C ALA D 189 -4.86 -9.65 -2.46
N ASP D 190 -5.49 -9.00 -1.50
CA ASP D 190 -5.36 -7.57 -1.35
C ASP D 190 -5.87 -7.17 0.01
N ILE D 191 -5.57 -5.93 0.39
CA ILE D 191 -6.00 -5.42 1.68
C ILE D 191 -7.28 -4.61 1.50
N VAL D 192 -8.29 -4.97 2.30
CA VAL D 192 -9.59 -4.32 2.24
C VAL D 192 -10.08 -4.11 3.67
N ASP D 193 -10.48 -2.90 3.98
CA ASP D 193 -10.99 -2.58 5.30
C ASP D 193 -12.52 -2.54 5.28
N LEU D 194 -13.15 -3.68 5.53
CA LEU D 194 -14.61 -3.78 5.51
C LEU D 194 -15.31 -2.70 6.32
N LYS D 195 -14.85 -2.50 7.56
CA LYS D 195 -15.45 -1.50 8.42
C LYS D 195 -15.45 -0.12 7.78
N GLN D 196 -14.49 0.11 6.91
CA GLN D 196 -14.36 1.38 6.22
C GLN D 196 -15.31 1.55 5.03
N VAL D 197 -15.69 0.45 4.40
CA VAL D 197 -16.55 0.53 3.22
C VAL D 197 -17.97 0.02 3.38
N LEU D 198 -18.19 -0.87 4.33
CA LEU D 198 -19.52 -1.43 4.50
C LEU D 198 -20.17 -1.16 5.83
N PRO D 199 -21.52 -1.24 5.87
CA PRO D 199 -22.30 -1.01 7.09
C PRO D 199 -22.18 -2.25 7.98
N GLU D 200 -22.60 -2.12 9.23
CA GLU D 200 -22.52 -3.24 10.18
C GLU D 200 -23.18 -4.53 9.70
N SER D 201 -24.35 -4.41 9.08
CA SER D 201 -25.05 -5.58 8.57
C SER D 201 -25.11 -5.57 7.06
N VAL D 202 -24.84 -6.72 6.47
CA VAL D 202 -24.83 -6.82 5.02
C VAL D 202 -25.45 -8.12 4.53
N ASN D 203 -25.59 -8.20 3.20
CA ASN D 203 -26.10 -9.38 2.54
C ASN D 203 -24.91 -9.96 1.77
N VAL D 204 -24.88 -11.27 1.61
CA VAL D 204 -23.81 -11.91 0.87
C VAL D 204 -24.49 -12.71 -0.22
N GLY D 205 -23.85 -12.83 -1.37
CA GLY D 205 -24.45 -13.59 -2.44
C GLY D 205 -23.70 -13.52 -3.76
N PHE D 206 -24.37 -13.95 -4.83
CA PHE D 206 -23.77 -13.93 -6.15
C PHE D 206 -24.60 -13.11 -7.10
N SER D 207 -23.98 -12.73 -8.20
CA SER D 207 -24.64 -11.97 -9.24
C SER D 207 -23.85 -12.22 -10.52
N ALA D 208 -24.56 -12.33 -11.62
CA ALA D 208 -23.91 -12.59 -12.90
C ALA D 208 -24.66 -11.85 -14.00
N ALA D 209 -24.06 -11.80 -15.18
CA ALA D 209 -24.71 -11.11 -16.29
C ALA D 209 -24.16 -11.56 -17.63
N THR D 210 -25.03 -11.57 -18.64
CA THR D 210 -24.60 -11.96 -19.98
C THR D 210 -24.57 -10.70 -20.85
N GLY D 211 -24.09 -10.86 -22.08
CA GLY D 211 -23.99 -9.74 -23.00
C GLY D 211 -25.15 -8.76 -22.98
N ASP D 212 -24.82 -7.49 -22.97
CA ASP D 212 -25.79 -6.40 -22.95
C ASP D 212 -26.23 -6.13 -24.39
N PRO D 213 -27.55 -5.93 -24.62
CA PRO D 213 -28.10 -5.65 -25.96
C PRO D 213 -27.34 -4.59 -26.75
N SER D 214 -26.86 -3.55 -26.04
CA SER D 214 -26.13 -2.47 -26.67
C SER D 214 -24.90 -2.96 -27.45
N GLY D 215 -24.41 -4.14 -27.09
CA GLY D 215 -23.25 -4.70 -27.77
C GLY D 215 -23.63 -5.32 -29.10
N LYS D 216 -24.94 -5.47 -29.32
CA LYS D 216 -25.48 -6.04 -30.55
C LYS D 216 -24.96 -7.44 -30.90
N GLN D 217 -24.45 -8.14 -29.90
CA GLN D 217 -23.94 -9.49 -30.11
C GLN D 217 -24.71 -10.49 -29.27
N ARG D 218 -25.58 -11.24 -29.92
CA ARG D 218 -26.38 -12.23 -29.23
C ARG D 218 -25.54 -13.41 -28.73
N ASN D 219 -24.34 -13.59 -29.30
CA ASN D 219 -23.45 -14.66 -28.87
C ASN D 219 -22.66 -14.30 -27.62
N ALA D 220 -22.74 -13.04 -27.21
CA ALA D 220 -22.05 -12.57 -26.01
C ALA D 220 -22.80 -13.11 -24.81
N THR D 221 -22.59 -14.39 -24.51
CA THR D 221 -23.28 -15.01 -23.39
C THR D 221 -22.59 -16.30 -22.97
N GLU D 222 -23.03 -16.83 -21.84
CA GLU D 222 -22.47 -18.04 -21.28
C GLU D 222 -23.34 -18.38 -20.08
N THR D 223 -23.06 -19.51 -19.44
CA THR D 223 -23.82 -19.87 -18.26
C THR D 223 -23.04 -19.38 -17.05
N HIS D 224 -23.74 -19.19 -15.94
CA HIS D 224 -23.12 -18.77 -14.70
C HIS D 224 -23.82 -19.59 -13.61
N ASP D 225 -23.43 -20.85 -13.53
CA ASP D 225 -24.05 -21.76 -12.56
C ASP D 225 -23.23 -21.95 -11.28
N ILE D 226 -23.94 -22.05 -10.16
CA ILE D 226 -23.30 -22.28 -8.89
C ILE D 226 -23.77 -23.63 -8.34
N LEU D 227 -22.82 -24.55 -8.16
CA LEU D 227 -23.15 -25.88 -7.71
C LEU D 227 -23.30 -26.05 -6.20
N SER D 228 -22.46 -25.40 -5.41
CA SER D 228 -22.57 -25.49 -3.95
C SER D 228 -22.04 -24.22 -3.31
N TRP D 229 -22.36 -24.02 -2.03
CA TRP D 229 -21.95 -22.81 -1.36
C TRP D 229 -22.01 -22.91 0.15
N SER D 230 -20.87 -22.69 0.80
CA SER D 230 -20.82 -22.71 2.26
C SER D 230 -20.27 -21.38 2.73
N PHE D 231 -20.75 -20.93 3.88
CA PHE D 231 -20.34 -19.66 4.43
C PHE D 231 -20.00 -19.87 5.89
N SER D 232 -19.30 -18.91 6.48
CA SER D 232 -18.92 -19.04 7.87
C SER D 232 -18.22 -17.76 8.32
N ALA D 233 -18.86 -17.03 9.24
CA ALA D 233 -18.28 -15.79 9.73
C ALA D 233 -18.22 -15.75 11.25
N SER D 234 -17.19 -15.10 11.79
CA SER D 234 -16.99 -15.00 13.22
C SER D 234 -16.76 -13.57 13.69
N LEU D 235 -17.73 -13.03 14.44
CA LEU D 235 -17.62 -11.68 14.96
C LEU D 235 -17.33 -11.84 16.46
N PRO D 236 -16.06 -11.64 16.87
CA PRO D 236 -15.68 -11.78 18.28
C PRO D 236 -16.46 -10.86 19.22
N GLY D 237 -16.66 -9.61 18.81
CA GLY D 237 -17.39 -8.65 19.62
C GLY D 237 -18.84 -9.03 19.93
C1 NAG E . -15.20 48.95 -4.68
C2 NAG E . -15.82 49.50 -3.40
C3 NAG E . -15.56 50.98 -3.34
C4 NAG E . -14.06 51.25 -3.39
C5 NAG E . -13.45 50.59 -4.62
C6 NAG E . -11.95 50.67 -4.57
C7 NAG E . -17.70 48.20 -2.67
C8 NAG E . -18.86 47.43 -3.28
N2 NAG E . -17.24 49.23 -3.37
O3 NAG E . -16.13 51.54 -2.14
O4 NAG E . -13.83 52.66 -3.44
O5 NAG E . -13.78 49.18 -4.67
O6 NAG E . -11.48 50.50 -3.25
O7 NAG E . -17.22 47.85 -1.59
C1 FUC E . -17.41 52.09 -2.33
C2 FUC E . -18.05 52.43 -0.98
C3 FUC E . -17.38 53.66 -0.34
C4 FUC E . -17.37 54.83 -1.34
C5 FUC E . -16.69 54.38 -2.64
C6 FUC E . -16.71 55.46 -3.70
O2 FUC E . -17.95 51.32 -0.10
O3 FUC E . -18.09 54.05 0.84
O4 FUC E . -18.71 55.23 -1.62
O5 FUC E . -17.39 53.23 -3.18
C1 NAG E . -12.84 53.16 -2.62
C2 NAG E . -12.44 54.55 -3.08
C3 NAG E . -11.47 55.20 -2.08
C4 NAG E . -11.92 55.04 -0.62
C5 NAG E . -12.35 53.59 -0.36
C6 NAG E . -12.93 53.38 1.03
C7 NAG E . -12.39 55.00 -5.46
C8 NAG E . -11.67 56.14 -6.15
N2 NAG E . -11.81 54.47 -4.38
O3 NAG E . -11.38 56.60 -2.38
O4 NAG E . -10.84 55.38 0.24
O5 NAG E . -13.35 53.20 -1.29
O6 NAG E . -13.96 52.39 1.00
O7 NAG E . -13.48 54.60 -5.89
C1 NAG F . 39.91 15.35 6.62
C2 NAG F . 40.50 15.01 5.25
C3 NAG F . 41.69 15.93 5.03
C4 NAG F . 41.27 17.41 5.14
C5 NAG F . 40.48 17.66 6.44
C6 NAG F . 39.80 19.03 6.40
C7 NAG F . 40.49 12.83 4.24
C8 NAG F . 40.74 11.34 4.42
N2 NAG F . 40.92 13.62 5.21
O3 NAG F . 42.27 15.69 3.73
O4 NAG F . 42.44 18.25 5.12
O5 NAG F . 39.41 16.68 6.59
O6 NAG F . 38.92 19.13 5.30
O7 NAG F . 39.93 13.24 3.21
C1 FUC F . 43.34 14.79 3.69
C2 FUC F . 43.92 14.75 2.28
C3 FUC F . 44.61 16.09 1.96
C4 FUC F . 45.66 16.40 3.03
C5 FUC F . 45.02 16.37 4.42
C6 FUC F . 46.03 16.54 5.55
O2 FUC F . 42.88 14.51 1.34
O3 FUC F . 45.22 16.03 0.69
O4 FUC F . 46.70 15.44 2.96
O5 FUC F . 44.37 15.09 4.64
C1 NAG F . 42.51 19.21 4.12
C2 NAG F . 43.78 20.05 4.30
C3 NAG F . 44.05 20.96 3.09
C4 NAG F . 43.95 20.16 1.78
C5 NAG F . 42.61 19.44 1.75
C6 NAG F . 42.37 18.63 0.48
C7 NAG F . 44.55 20.86 6.44
C8 NAG F . 45.68 21.86 6.34
N2 NAG F . 43.63 20.88 5.48
O3 NAG F . 45.34 21.53 3.20
O4 NAG F . 44.07 21.04 0.67
O5 NAG F . 42.53 18.52 2.86
O6 NAG F . 41.18 17.86 0.58
O7 NAG F . 44.52 20.05 7.37
C1 NAG G . 34.15 7.29 21.71
C2 NAG G . 35.65 7.05 22.01
C3 NAG G . 35.84 6.24 23.29
C4 NAG G . 35.04 6.84 24.45
C5 NAG G . 33.57 6.91 24.01
C6 NAG G . 32.63 7.44 25.08
C7 NAG G . 37.35 6.79 20.30
C8 NAG G . 38.03 5.87 19.30
N2 NAG G . 36.25 6.33 20.90
O3 NAG G . 37.24 6.20 23.63
O4 NAG G . 35.18 6.04 25.64
O5 NAG G . 33.44 7.78 22.86
O6 NAG G . 31.28 7.16 24.76
O7 NAG G . 37.82 7.91 20.52
C1 FUC G . 37.88 4.99 23.34
C2 FUC G . 39.38 5.14 23.63
C3 FUC G . 39.60 5.35 25.13
C4 FUC G . 39.00 4.17 25.89
C5 FUC G . 37.51 4.04 25.54
C6 FUC G . 36.84 2.85 26.19
O2 FUC G . 39.90 6.24 22.88
O3 FUC G . 40.99 5.46 25.42
O4 FUC G . 39.67 2.97 25.50
O5 FUC G . 37.35 3.91 24.11
C1 NAG H . 6.67 -47.99 15.69
C2 NAG H . 5.88 -48.45 16.92
C3 NAG H . 5.53 -49.94 16.86
C4 NAG H . 4.98 -50.36 15.49
C5 NAG H . 5.84 -49.80 14.35
C6 NAG H . 5.26 -50.06 12.98
C7 NAG H . 6.17 -47.35 19.05
C8 NAG H . 7.15 -46.34 19.64
N2 NAG H . 6.65 -48.18 18.12
O3 NAG H . 4.54 -50.24 17.87
O4 NAG H . 4.94 -51.80 15.40
O5 NAG H . 5.97 -48.37 14.49
O6 NAG H . 4.80 -48.85 12.38
O7 NAG H . 5.00 -47.37 19.42
C1 FUC H . 5.07 -50.67 19.10
C2 FUC H . 3.92 -50.95 20.09
C3 FUC H . 3.12 -52.17 19.62
C4 FUC H . 4.05 -53.38 19.40
C5 FUC H . 5.21 -53.00 18.46
C6 FUC H . 6.25 -54.09 18.33
O2 FUC H . 3.08 -49.81 20.17
O3 FUC H . 2.13 -52.49 20.58
O4 FUC H . 4.57 -53.81 20.65
O5 FUC H . 5.90 -51.83 18.96
C1 NAG H . 3.79 -52.35 14.86
C2 NAG H . 4.03 -53.79 14.41
C3 NAG H . 2.70 -54.38 13.89
C4 NAG H . 1.56 -54.19 14.89
C5 NAG H . 1.48 -52.72 15.32
C6 NAG H . 0.42 -52.44 16.35
C7 NAG H . 6.20 -54.34 13.52
C8 NAG H . 7.04 -54.57 12.26
N2 NAG H . 5.00 -53.79 13.33
O3 NAG H . 2.88 -55.76 13.62
O4 NAG H . 0.31 -54.59 14.30
O5 NAG H . 2.76 -52.31 15.85
O6 NAG H . 0.99 -52.13 17.62
O7 NAG H . 6.65 -54.66 14.62
C1 GLA I . -21.50 34.74 -6.76
C2 GLA I . -20.57 33.55 -7.14
C3 GLA I . -19.34 33.58 -6.23
C4 GLA I . -18.62 34.93 -6.40
C5 GLA I . -19.60 36.07 -6.03
C6 GLA I . -18.91 37.42 -6.20
O1 GLA I . -21.99 34.59 -5.42
O2 GLA I . -21.26 32.31 -7.01
O3 GLA I . -18.46 32.50 -6.56
O4 GLA I . -18.19 35.09 -7.77
O5 GLA I . -20.78 36.01 -6.89
O6 GLA I . -19.80 38.48 -5.85
C1 NAG J . -19.70 38.47 -18.93
C2 NAG J . -20.64 39.56 -19.50
C3 NAG J . -21.45 39.04 -20.71
C4 NAG J . -20.50 38.40 -21.74
C5 NAG J . -19.65 37.33 -21.05
C6 NAG J . -18.66 36.67 -21.98
C7 NAG J . -21.39 41.17 -17.88
C8 NAG J . -22.56 41.72 -17.10
N2 NAG J . -21.56 39.98 -18.46
O3 NAG J . -22.17 40.13 -21.33
O4 NAG J . -21.27 37.80 -22.81
O5 NAG J . -18.87 37.93 -19.97
O6 NAG J . -17.33 36.79 -21.50
O7 NAG J . -20.35 41.83 -17.96
CA CA K . -15.13 29.40 -3.28
MN MN L . -13.38 26.05 -1.25
C1 GLA M . 30.48 3.46 9.94
C2 GLA M . 29.00 3.73 10.30
C3 GLA M . 28.45 4.81 9.36
C4 GLA M . 29.30 6.10 9.51
C5 GLA M . 30.78 5.74 9.14
C6 GLA M . 31.65 7.00 9.29
O1 GLA M . 30.60 2.90 8.63
O2 GLA M . 28.23 2.53 10.18
O3 GLA M . 27.08 5.08 9.69
O4 GLA M . 29.23 6.57 10.87
O5 GLA M . 31.28 4.70 10.05
O6 GLA M . 33.00 6.71 8.94
CA CA N . 22.83 6.57 6.99
MN MN O . 18.76 6.51 5.52
C1 GLA P . 11.83 -33.79 20.19
C2 GLA P . 12.00 -32.73 19.08
C3 GLA P . 10.76 -32.77 18.16
C4 GLA P . 10.64 -34.17 17.54
C5 GLA P . 10.50 -35.20 18.70
C6 GLA P . 10.37 -36.62 18.13
O1 GLA P . 10.69 -33.49 21.01
O2 GLA P . 12.14 -31.43 19.67
O3 GLA P . 10.90 -31.79 17.12
O4 GLA P . 11.82 -34.47 16.77
O5 GLA P . 11.67 -35.13 19.59
O6 GLA P . 10.24 -37.57 19.18
C1 NAG Q . 22.59 -37.98 14.59
C2 NAG Q . 23.44 -38.86 15.54
C3 NAG Q . 24.81 -38.19 15.81
C4 NAG Q . 25.51 -37.94 14.46
C5 NAG Q . 24.59 -37.08 13.57
C6 NAG Q . 25.17 -36.82 12.19
C7 NAG Q . 22.54 -40.29 17.26
C8 NAG Q . 23.55 -40.79 18.29
N2 NAG Q . 22.72 -39.06 16.78
O3 NAG Q . 25.62 -39.04 16.65
O4 NAG Q . 26.78 -37.27 14.67
O5 NAG Q . 23.32 -37.74 13.36
O6 NAG Q . 25.61 -35.47 12.05
O7 NAG Q . 21.63 -41.02 16.88
CA CA R . 6.65 -28.34 15.12
MN MN S . 4.86 -24.28 13.67
C1 GLA T . -21.34 -3.88 -23.82
C2 GLA T . -21.17 -4.06 -22.29
C3 GLA T . -20.15 -5.17 -22.03
C4 GLA T . -20.65 -6.48 -22.68
C5 GLA T . -20.82 -6.23 -24.21
C6 GLA T . -21.33 -7.52 -24.88
O1 GLA T . -20.11 -3.44 -24.42
O2 GLA T . -20.71 -2.83 -21.70
O3 GLA T . -19.98 -5.36 -20.63
O4 GLA T . -21.92 -6.85 -22.09
O5 GLA T . -21.78 -5.14 -24.43
O6 GLA T . -21.20 -7.53 -26.30
C1 NAG U . -33.52 -6.76 -21.84
C2 NAG U . -34.49 -6.32 -22.95
C3 NAG U . -35.38 -5.15 -22.48
C4 NAG U . -36.05 -5.50 -21.14
C5 NAG U . -34.96 -5.91 -20.13
C6 NAG U . -35.51 -6.27 -18.77
C7 NAG U . -33.97 -6.48 -25.30
C8 NAG U . -34.21 -5.55 -26.47
N2 NAG U . -33.73 -5.93 -24.12
O3 NAG U . -36.39 -4.86 -23.46
O4 NAG U . -36.78 -4.36 -20.64
O5 NAG U . -34.24 -7.06 -20.63
O6 NAG U . -34.77 -5.63 -17.74
O7 NAG U . -34.03 -7.71 -25.46
CA CA V . -15.43 -7.15 -17.77
MN MN W . -12.63 -6.99 -14.47
#